data_4TRI
#
_entry.id   4TRI
#
_cell.length_a   61.455
_cell.length_b   96.140
_cell.length_c   145.888
_cell.angle_alpha   90.00
_cell.angle_beta   90.00
_cell.angle_gamma   90.00
#
_symmetry.space_group_name_H-M   'P 21 21 21'
#
loop_
_entity.id
_entity.type
_entity.pdbx_description
1 polymer 'P450 heme-thiolate protein'
2 non-polymer 'PROTOPORPHYRIN IX CONTAINING FE'
3 non-polymer 'CHOLEST-5-EN-3-YL HYDROGEN SULFATE'
4 non-polymer GLYCEROL
5 water water
#
_entity_poly.entity_id   1
_entity_poly.type   'polypeptide(L)'
_entity_poly.pdbx_seq_one_letter_code
;MTQMLTRPDVDLVNGMFYADGGAREAYRWMRANEPVFRDRNGLAAATTYQAVLDAERNPELFSSTGGIRPDQPGMPYMID
MDDPQHLLRRKLVNAGFTRKRVMDKVDSIGRLCDTLIDAVCERGECDFVRDIAAPLPMAVIGDMLGVLPTERDMLLKWSD
DLVCGLSSHVDEAAIQKLMDTFAAYTEFTKDVITKRRAEPTDDLFSVLVNSEVEGQRMSDDEIVFETLLILIGGDETTRH
TLSGGTEQLLRHRDQWDALVADVDLLPGAIEEMLRWTSPVKNMCRTLTADTVFHGTELRAGEKIMLMFESANFDESVFGD
PDNFRIDRNPNSHVAFGFGTHFCLGNQLARLELRLMTERVLRRLPDLRLADDAPVPLRPANFVSGPESMPVVFTPSAPVL
AHHHHHH
;
_entity_poly.pdbx_strand_id   A,B
#
loop_
_chem_comp.id
_chem_comp.type
_chem_comp.name
_chem_comp.formula
C3S non-polymer 'CHOLEST-5-EN-3-YL HYDROGEN SULFATE' 'C27 H46 O4 S'
GOL non-polymer GLYCEROL 'C3 H8 O3'
HEM non-polymer 'PROTOPORPHYRIN IX CONTAINING FE' 'C34 H32 Fe N4 O4'
#
# COMPACT_ATOMS: atom_id res chain seq x y z
N LEU A 5 28.75 16.00 -10.12
CA LEU A 5 29.74 14.98 -9.79
C LEU A 5 30.47 15.34 -8.50
N THR A 6 30.32 16.58 -8.06
CA THR A 6 30.91 17.02 -6.81
C THR A 6 29.92 16.83 -5.65
N ARG A 7 30.42 16.35 -4.51
CA ARG A 7 29.59 16.18 -3.32
C ARG A 7 28.89 17.47 -2.93
N PRO A 8 27.56 17.41 -2.73
CA PRO A 8 26.80 18.55 -2.25
C PRO A 8 27.38 19.11 -0.95
N ASP A 9 27.58 20.42 -0.88
CA ASP A 9 28.03 21.07 0.34
C ASP A 9 26.84 21.79 0.96
N VAL A 10 26.05 21.08 1.76
CA VAL A 10 24.72 21.57 2.15
C VAL A 10 24.41 21.42 3.63
N ASP A 11 23.52 22.29 4.11
CA ASP A 11 22.96 22.22 5.45
C ASP A 11 21.50 21.83 5.30
N LEU A 12 21.19 20.60 5.67
CA LEU A 12 19.82 20.08 5.50
C LEU A 12 18.82 20.70 6.48
N VAL A 13 19.29 21.61 7.34
CA VAL A 13 18.39 22.34 8.24
C VAL A 13 18.14 23.72 7.64
N ASN A 14 18.92 24.09 6.63
CA ASN A 14 18.73 25.36 5.96
C ASN A 14 17.55 25.28 5.01
N GLY A 15 16.52 26.09 5.27
CA GLY A 15 15.35 26.15 4.41
C GLY A 15 15.64 26.47 2.95
N MET A 16 16.73 27.21 2.69
CA MET A 16 17.06 27.57 1.32
C MET A 16 17.35 26.34 0.46
N PHE A 17 17.88 25.28 1.06
CA PHE A 17 18.14 24.04 0.33
C PHE A 17 16.87 23.52 -0.36
N TYR A 18 15.74 23.68 0.33
CA TYR A 18 14.46 23.14 -0.12
C TYR A 18 13.70 24.11 -1.05
N ALA A 19 14.21 25.33 -1.21
CA ALA A 19 13.49 26.34 -1.99
C ALA A 19 14.19 26.76 -3.29
N ASP A 20 15.51 26.68 -3.35
CA ASP A 20 16.24 27.29 -4.47
C ASP A 20 16.31 26.41 -5.73
N GLY A 21 15.78 25.19 -5.66
CA GLY A 21 15.69 24.34 -6.84
C GLY A 21 16.77 23.30 -6.98
N GLY A 22 17.73 23.30 -6.05
CA GLY A 22 18.87 22.42 -6.16
C GLY A 22 18.75 21.08 -5.46
N ALA A 23 17.63 20.84 -4.77
CA ALA A 23 17.49 19.64 -3.95
C ALA A 23 17.53 18.37 -4.81
N ARG A 24 16.79 18.39 -5.92
CA ARG A 24 16.64 17.22 -6.76
C ARG A 24 18.00 16.66 -7.20
N GLU A 25 18.90 17.55 -7.62
CA GLU A 25 20.21 17.09 -8.08
C GLU A 25 21.09 16.69 -6.90
N ALA A 26 20.96 17.40 -5.79
CA ALA A 26 21.71 17.04 -4.59
C ALA A 26 21.32 15.63 -4.16
N TYR A 27 20.02 15.37 -4.08
CA TYR A 27 19.50 14.04 -3.79
C TYR A 27 20.09 12.98 -4.71
N ARG A 28 20.19 13.30 -6.01
CA ARG A 28 20.65 12.32 -6.98
C ARG A 28 22.06 11.89 -6.62
N TRP A 29 22.90 12.85 -6.28
CA TRP A 29 24.27 12.55 -5.89
C TRP A 29 24.29 11.64 -4.68
N MET A 30 23.54 12.04 -3.66
CA MET A 30 23.45 11.26 -2.43
C MET A 30 22.99 9.82 -2.71
N ARG A 31 21.86 9.66 -3.41
CA ARG A 31 21.32 8.32 -3.64
C ARG A 31 22.35 7.41 -4.33
N ALA A 32 23.14 7.99 -5.24
CA ALA A 32 24.09 7.20 -6.02
C ALA A 32 25.43 7.01 -5.34
N ASN A 33 25.80 7.92 -4.44
CA ASN A 33 27.16 7.92 -3.89
C ASN A 33 27.27 7.73 -2.39
N GLU A 34 26.24 8.11 -1.65
CA GLU A 34 26.26 8.01 -0.19
C GLU A 34 24.83 8.01 0.34
N PRO A 35 24.14 6.86 0.21
CA PRO A 35 22.71 6.68 0.48
C PRO A 35 22.29 7.22 1.83
N VAL A 36 23.11 6.98 2.84
CA VAL A 36 22.92 7.63 4.11
C VAL A 36 23.95 8.73 4.19
N PHE A 37 23.48 9.94 3.94
CA PHE A 37 24.34 11.09 3.73
C PHE A 37 24.55 11.88 5.01
N ARG A 38 25.77 12.32 5.26
CA ARG A 38 26.01 13.26 6.35
C ARG A 38 26.29 14.64 5.76
N ASP A 39 25.59 15.67 6.22
CA ASP A 39 25.77 16.98 5.63
C ASP A 39 26.95 17.71 6.26
N ARG A 40 27.12 18.98 5.92
CA ARG A 40 28.31 19.70 6.32
C ARG A 40 28.38 19.91 7.84
N ASN A 41 27.25 19.75 8.52
CA ASN A 41 27.27 19.75 9.99
C ASN A 41 27.25 18.33 10.56
N GLY A 42 27.37 17.33 9.68
CA GLY A 42 27.44 15.96 10.12
C GLY A 42 26.09 15.31 10.34
N LEU A 43 25.02 16.04 10.09
CA LEU A 43 23.66 15.52 10.25
C LEU A 43 23.42 14.40 9.25
N ALA A 44 23.01 13.23 9.74
CA ALA A 44 22.77 12.08 8.87
C ALA A 44 21.38 12.14 8.23
N ALA A 45 21.29 11.69 6.99
CA ALA A 45 20.03 11.66 6.26
C ALA A 45 19.85 10.42 5.38
N ALA A 46 18.70 9.76 5.50
CA ALA A 46 18.36 8.64 4.63
C ALA A 46 17.76 9.15 3.34
N THR A 47 18.42 8.87 2.21
CA THR A 47 18.08 9.51 0.96
C THR A 47 17.53 8.56 -0.08
N THR A 48 17.77 7.27 0.08
CA THR A 48 17.20 6.30 -0.85
C THR A 48 15.88 5.81 -0.31
N TYR A 49 14.99 5.46 -1.22
CA TYR A 49 13.70 4.88 -0.87
C TYR A 49 13.85 3.71 0.09
N GLN A 50 14.78 2.82 -0.23
CA GLN A 50 15.02 1.64 0.60
C GLN A 50 15.48 1.99 2.01
N ALA A 51 16.35 2.99 2.12
CA ALA A 51 16.88 3.39 3.42
C ALA A 51 15.78 4.02 4.25
N VAL A 52 14.93 4.82 3.61
CA VAL A 52 13.80 5.40 4.30
C VAL A 52 12.87 4.30 4.81
N LEU A 53 12.54 3.37 3.93
CA LEU A 53 11.66 2.25 4.29
C LEU A 53 12.25 1.37 5.38
N ASP A 54 13.55 1.09 5.32
CA ASP A 54 14.19 0.25 6.33
C ASP A 54 14.10 0.92 7.72
N ALA A 55 14.35 2.23 7.74
CA ALA A 55 14.28 2.97 9.00
C ALA A 55 12.84 2.97 9.54
N GLU A 56 11.89 3.23 8.66
CA GLU A 56 10.49 3.29 9.06
C GLU A 56 10.00 1.99 9.68
N ARG A 57 10.45 0.85 9.13
CA ARG A 57 9.95 -0.46 9.57
C ARG A 57 10.60 -0.96 10.85
N ASN A 58 11.63 -0.25 11.31
CA ASN A 58 12.34 -0.66 12.52
C ASN A 58 12.30 0.43 13.57
N PRO A 59 11.11 0.70 14.13
CA PRO A 59 10.98 1.78 15.10
C PRO A 59 11.75 1.52 16.38
N GLU A 60 12.04 0.26 16.68
CA GLU A 60 12.84 -0.08 17.85
C GLU A 60 14.25 0.50 17.74
N LEU A 61 14.81 0.46 16.54
CA LEU A 61 16.16 1.00 16.30
C LEU A 61 16.09 2.48 15.92
N PHE A 62 15.05 2.84 15.16
CA PHE A 62 14.86 4.22 14.73
C PHE A 62 13.65 4.84 15.42
N SER A 63 13.88 5.35 16.63
CA SER A 63 12.78 5.80 17.51
C SER A 63 12.26 7.20 17.17
N SER A 64 11.01 7.47 17.54
CA SER A 64 10.44 8.79 17.33
C SER A 64 10.47 9.67 18.59
N THR A 65 10.91 9.12 19.72
CA THR A 65 10.79 9.86 20.98
C THR A 65 11.78 11.01 21.04
N GLY A 66 12.79 10.99 20.18
CA GLY A 66 13.80 12.03 20.20
C GLY A 66 13.36 13.38 19.64
N GLY A 67 12.19 13.43 19.01
CA GLY A 67 11.71 14.66 18.38
C GLY A 67 11.83 14.59 16.86
N ILE A 68 10.74 14.91 16.15
CA ILE A 68 10.73 14.79 14.68
C ILE A 68 11.59 15.79 13.94
N ARG A 69 12.03 16.84 14.62
CA ARG A 69 12.85 17.87 13.98
C ARG A 69 14.32 17.71 14.39
N PRO A 70 15.25 18.10 13.51
CA PRO A 70 16.67 17.85 13.77
C PRO A 70 17.26 18.69 14.90
N ASP A 71 16.59 19.78 15.27
N ASP A 71 16.60 19.80 15.24
CA ASP A 71 17.15 20.70 16.25
CA ASP A 71 17.14 20.74 16.20
C ASP A 71 16.20 20.98 17.39
C ASP A 71 16.20 20.98 17.39
N GLN A 72 15.30 20.04 17.65
CA GLN A 72 14.37 20.15 18.78
C GLN A 72 14.21 18.80 19.47
N PRO A 73 13.98 18.83 20.79
CA PRO A 73 13.74 17.59 21.53
C PRO A 73 12.31 17.07 21.40
N GLY A 74 12.07 15.87 21.91
CA GLY A 74 10.74 15.27 21.91
C GLY A 74 9.69 16.16 22.56
N MET A 75 8.48 16.15 21.99
CA MET A 75 7.39 16.98 22.49
C MET A 75 6.16 16.11 22.79
N PRO A 76 5.20 16.62 23.58
CA PRO A 76 4.11 15.73 24.00
C PRO A 76 2.97 15.58 22.99
N TYR A 77 3.28 15.00 21.84
CA TYR A 77 2.21 14.51 20.95
C TYR A 77 2.61 13.22 20.26
N MET A 78 1.65 12.67 19.55
CA MET A 78 1.72 11.27 19.15
C MET A 78 2.85 11.02 18.17
N ILE A 79 3.22 12.02 17.38
CA ILE A 79 4.23 11.83 16.35
C ILE A 79 5.64 11.73 16.96
N ASP A 80 5.78 12.16 18.23
CA ASP A 80 7.02 12.01 18.97
C ASP A 80 6.91 10.88 19.99
N MET A 81 6.10 9.87 19.68
CA MET A 81 5.95 8.74 20.59
C MET A 81 6.18 7.42 19.86
N ASP A 82 6.62 6.39 20.58
CA ASP A 82 6.69 5.04 20.05
C ASP A 82 5.50 4.25 20.59
N ASP A 83 5.15 3.14 19.97
CA ASP A 83 4.10 2.28 20.52
C ASP A 83 4.63 1.64 21.78
N PRO A 84 3.74 1.29 22.73
CA PRO A 84 2.28 1.42 22.69
C PRO A 84 1.75 2.81 23.04
N GLN A 85 2.60 3.70 23.55
CA GLN A 85 2.13 5.05 23.91
C GLN A 85 1.57 5.79 22.69
N HIS A 86 2.23 5.65 21.55
CA HIS A 86 1.77 6.26 20.29
C HIS A 86 0.36 5.80 19.95
N LEU A 87 0.13 4.48 20.01
CA LEU A 87 -1.17 3.94 19.70
C LEU A 87 -2.27 4.43 20.64
N LEU A 88 -1.94 4.61 21.93
CA LEU A 88 -2.92 5.13 22.90
C LEU A 88 -3.49 6.45 22.38
N ARG A 89 -2.62 7.26 21.79
CA ARG A 89 -3.03 8.56 21.27
C ARG A 89 -3.81 8.43 19.97
N ARG A 90 -3.36 7.56 19.07
CA ARG A 90 -4.07 7.35 17.81
C ARG A 90 -5.51 6.93 18.08
N LYS A 91 -5.72 6.09 19.10
CA LYS A 91 -7.06 5.61 19.42
C LYS A 91 -7.97 6.74 19.92
N LEU A 92 -7.38 7.83 20.41
CA LEU A 92 -8.17 8.96 20.87
C LEU A 92 -8.75 9.78 19.71
N VAL A 93 -8.12 9.73 18.54
CA VAL A 93 -8.56 10.56 17.41
C VAL A 93 -9.03 9.74 16.20
N ASN A 94 -8.78 8.44 16.24
CA ASN A 94 -9.05 7.58 15.09
C ASN A 94 -10.49 7.62 14.60
N ALA A 95 -11.45 7.69 15.51
CA ALA A 95 -12.87 7.66 15.13
C ALA A 95 -13.26 8.81 14.20
N GLY A 96 -12.55 9.93 14.32
CA GLY A 96 -12.84 11.08 13.49
C GLY A 96 -12.29 10.91 12.09
N PHE A 97 -11.45 9.89 11.89
CA PHE A 97 -10.73 9.76 10.63
C PHE A 97 -10.97 8.42 9.96
N THR A 98 -12.01 7.71 10.37
CA THR A 98 -12.36 6.49 9.66
C THR A 98 -12.74 6.85 8.22
N ARG A 99 -12.61 5.91 7.29
CA ARG A 99 -12.98 6.17 5.90
C ARG A 99 -14.44 6.61 5.79
N LYS A 100 -15.30 5.97 6.57
CA LYS A 100 -16.72 6.30 6.54
C LYS A 100 -16.94 7.73 7.00
N ARG A 101 -16.22 8.12 8.05
CA ARG A 101 -16.32 9.47 8.58
C ARG A 101 -15.77 10.50 7.59
N VAL A 102 -14.67 10.15 6.93
CA VAL A 102 -14.10 11.01 5.91
C VAL A 102 -15.06 11.14 4.73
N MET A 103 -15.65 10.04 4.28
CA MET A 103 -16.50 10.11 3.08
C MET A 103 -17.80 10.84 3.35
N ASP A 104 -18.21 10.88 4.62
CA ASP A 104 -19.43 11.62 4.99
C ASP A 104 -19.23 13.13 4.86
N LYS A 105 -17.98 13.55 4.65
CA LYS A 105 -17.70 14.98 4.48
C LYS A 105 -17.69 15.41 3.00
N VAL A 106 -18.05 14.52 2.09
CA VAL A 106 -18.02 14.86 0.66
C VAL A 106 -18.84 16.10 0.34
N ASP A 107 -20.07 16.17 0.85
CA ASP A 107 -20.94 17.30 0.53
C ASP A 107 -20.39 18.59 1.12
N SER A 108 -19.98 18.50 2.37
CA SER A 108 -19.45 19.63 3.11
C SER A 108 -18.19 20.20 2.45
N ILE A 109 -17.24 19.33 2.16
CA ILE A 109 -15.99 19.78 1.56
C ILE A 109 -16.24 20.32 0.15
N GLY A 110 -17.14 19.68 -0.58
CA GLY A 110 -17.55 20.16 -1.90
C GLY A 110 -18.07 21.59 -1.89
N ARG A 111 -18.89 21.92 -0.89
CA ARG A 111 -19.43 23.28 -0.77
C ARG A 111 -18.33 24.30 -0.49
N LEU A 112 -17.37 23.93 0.36
CA LEU A 112 -16.21 24.78 0.63
C LEU A 112 -15.45 25.05 -0.67
N CYS A 113 -15.26 24.00 -1.46
CA CYS A 113 -14.58 24.13 -2.75
C CYS A 113 -15.33 25.09 -3.66
N ASP A 114 -16.63 24.85 -3.78
CA ASP A 114 -17.48 25.68 -4.62
C ASP A 114 -17.55 27.13 -4.13
N THR A 115 -17.54 27.32 -2.81
CA THR A 115 -17.56 28.66 -2.24
C THR A 115 -16.30 29.44 -2.61
N LEU A 116 -15.14 28.80 -2.49
CA LEU A 116 -13.89 29.46 -2.81
C LEU A 116 -13.79 29.80 -4.29
N ILE A 117 -14.26 28.90 -5.13
CA ILE A 117 -14.17 29.15 -6.57
C ILE A 117 -15.20 30.19 -6.99
N ASP A 118 -16.38 30.17 -6.37
CA ASP A 118 -17.36 31.25 -6.53
C ASP A 118 -16.74 32.63 -6.31
N ALA A 119 -15.86 32.71 -5.33
CA ALA A 119 -15.27 33.97 -4.93
C ALA A 119 -14.49 34.61 -6.07
N VAL A 120 -13.87 33.78 -6.93
CA VAL A 120 -12.96 34.31 -7.96
C VAL A 120 -13.40 34.06 -9.40
N CYS A 121 -14.36 33.17 -9.61
CA CYS A 121 -14.63 32.67 -10.95
C CYS A 121 -15.04 33.76 -11.95
N GLU A 122 -15.71 34.80 -11.48
CA GLU A 122 -16.14 35.87 -12.40
C GLU A 122 -15.02 36.85 -12.79
N ARG A 123 -13.89 36.77 -12.09
CA ARG A 123 -12.75 37.67 -12.28
C ARG A 123 -11.85 37.31 -13.45
N GLY A 124 -11.76 36.03 -13.76
CA GLY A 124 -10.84 35.57 -14.78
C GLY A 124 -9.41 35.43 -14.29
N GLU A 125 -9.19 35.60 -12.99
CA GLU A 125 -7.86 35.43 -12.43
C GLU A 125 -7.92 35.31 -10.91
N CYS A 126 -6.87 34.71 -10.35
CA CYS A 126 -6.69 34.64 -8.90
C CYS A 126 -5.28 34.16 -8.61
N ASP A 127 -4.90 34.12 -7.34
CA ASP A 127 -3.68 33.44 -6.96
C ASP A 127 -4.07 32.04 -6.49
N PHE A 128 -3.55 31.01 -7.15
CA PHE A 128 -4.03 29.67 -6.88
C PHE A 128 -3.69 29.23 -5.47
N VAL A 129 -2.57 29.75 -4.94
CA VAL A 129 -2.17 29.42 -3.57
C VAL A 129 -3.08 30.12 -2.56
N ARG A 130 -3.08 31.45 -2.59
CA ARG A 130 -3.80 32.23 -1.60
C ARG A 130 -5.32 32.04 -1.67
N ASP A 131 -5.86 31.87 -2.87
CA ASP A 131 -7.32 31.88 -3.03
C ASP A 131 -7.97 30.49 -3.09
N ILE A 132 -7.16 29.47 -3.30
CA ILE A 132 -7.67 28.11 -3.57
C ILE A 132 -6.98 27.04 -2.71
N ALA A 133 -5.67 26.93 -2.89
CA ALA A 133 -4.90 25.82 -2.31
C ALA A 133 -4.78 25.92 -0.80
N ALA A 134 -4.48 27.10 -0.29
CA ALA A 134 -4.29 27.26 1.16
C ALA A 134 -5.62 27.27 1.94
N PRO A 135 -6.62 28.06 1.49
CA PRO A 135 -7.84 28.13 2.32
C PRO A 135 -8.70 26.87 2.40
N LEU A 136 -8.73 26.03 1.38
CA LEU A 136 -9.61 24.86 1.43
C LEU A 136 -9.22 23.89 2.58
N PRO A 137 -7.96 23.44 2.65
CA PRO A 137 -7.69 22.46 3.72
C PRO A 137 -7.80 23.08 5.10
N MET A 138 -7.55 24.39 5.19
CA MET A 138 -7.71 25.10 6.45
C MET A 138 -9.15 25.05 6.93
N ALA A 139 -10.09 25.38 6.04
CA ALA A 139 -11.50 25.31 6.38
C ALA A 139 -11.92 23.90 6.78
N VAL A 140 -11.44 22.90 6.04
CA VAL A 140 -11.82 21.52 6.30
C VAL A 140 -11.37 21.04 7.69
N ILE A 141 -10.11 21.28 8.04
CA ILE A 141 -9.62 20.85 9.34
C ILE A 141 -10.20 21.73 10.43
N GLY A 142 -10.43 23.00 10.09
CA GLY A 142 -11.07 23.91 11.02
C GLY A 142 -12.46 23.42 11.41
N ASP A 143 -13.21 22.93 10.42
CA ASP A 143 -14.55 22.44 10.65
C ASP A 143 -14.54 21.24 11.61
N MET A 144 -13.58 20.34 11.40
CA MET A 144 -13.41 19.18 12.28
C MET A 144 -13.02 19.60 13.70
N LEU A 145 -12.31 20.72 13.82
CA LEU A 145 -11.85 21.20 15.14
C LEU A 145 -12.82 22.21 15.79
N GLY A 146 -13.94 22.49 15.14
CA GLY A 146 -14.92 23.40 15.71
C GLY A 146 -14.59 24.87 15.55
N VAL A 147 -13.64 25.15 14.66
CA VAL A 147 -13.19 26.53 14.42
C VAL A 147 -14.25 27.32 13.65
N LEU A 148 -14.56 28.52 14.10
CA LEU A 148 -15.54 29.32 13.38
C LEU A 148 -14.91 29.93 12.14
N PRO A 149 -15.73 30.09 11.08
CA PRO A 149 -15.20 30.60 9.81
C PRO A 149 -14.38 31.87 9.99
N THR A 150 -14.83 32.84 10.79
CA THR A 150 -14.07 34.08 10.87
C THR A 150 -12.75 33.93 11.62
N GLU A 151 -12.52 32.80 12.29
CA GLU A 151 -11.25 32.59 12.99
C GLU A 151 -10.28 31.71 12.20
N ARG A 152 -10.71 31.22 11.04
CA ARG A 152 -9.86 30.38 10.22
C ARG A 152 -8.56 31.09 9.87
N ASP A 153 -8.68 32.33 9.41
CA ASP A 153 -7.53 33.10 8.96
C ASP A 153 -6.51 33.27 10.08
N MET A 154 -7.00 33.54 11.28
CA MET A 154 -6.12 33.72 12.43
C MET A 154 -5.30 32.44 12.68
N LEU A 155 -5.97 31.30 12.66
CA LEU A 155 -5.27 30.03 12.93
C LEU A 155 -4.34 29.69 11.77
N LEU A 156 -4.76 30.02 10.56
CA LEU A 156 -3.93 29.76 9.40
C LEU A 156 -2.66 30.59 9.45
N LYS A 157 -2.80 31.86 9.82
CA LYS A 157 -1.63 32.75 9.94
C LYS A 157 -0.67 32.24 11.02
N TRP A 158 -1.22 31.83 12.16
CA TRP A 158 -0.41 31.21 13.20
C TRP A 158 0.36 30.02 12.66
N SER A 159 -0.35 29.12 11.98
CA SER A 159 0.26 27.93 11.39
C SER A 159 1.40 28.30 10.45
N ASP A 160 1.18 29.32 9.61
CA ASP A 160 2.20 29.80 8.69
C ASP A 160 3.43 30.32 9.44
N ASP A 161 3.19 31.06 10.52
CA ASP A 161 4.28 31.66 11.29
C ASP A 161 5.10 30.63 12.03
N LEU A 162 4.46 29.52 12.42
CA LEU A 162 5.18 28.42 13.04
C LEU A 162 6.07 27.68 12.02
N VAL A 163 5.52 27.25 10.89
CA VAL A 163 6.31 26.41 10.00
C VAL A 163 7.30 27.20 9.13
N CYS A 164 7.12 28.51 9.03
CA CYS A 164 8.06 29.31 8.24
C CYS A 164 9.26 29.72 9.09
N GLY A 165 9.13 29.58 10.40
CA GLY A 165 10.24 29.83 11.31
C GLY A 165 11.15 28.61 11.43
N LEU A 166 10.84 27.56 10.66
CA LEU A 166 11.62 26.32 10.69
C LEU A 166 12.76 26.30 9.68
N SER A 167 13.86 26.97 10.03
CA SER A 167 15.03 27.07 9.15
C SER A 167 16.23 27.66 9.89
N SER A 168 17.42 27.14 9.59
CA SER A 168 18.63 27.64 10.21
C SER A 168 19.06 28.99 9.63
N HIS A 169 18.37 29.46 8.60
CA HIS A 169 18.76 30.72 7.96
C HIS A 169 17.91 31.92 8.40
N VAL A 170 16.83 31.69 9.14
CA VAL A 170 15.95 32.79 9.53
C VAL A 170 16.52 33.56 10.73
N ASP A 171 16.14 34.83 10.84
CA ASP A 171 16.71 35.69 11.88
C ASP A 171 16.01 35.54 13.23
N GLU A 172 16.52 36.23 14.24
CA GLU A 172 16.00 36.13 15.59
C GLU A 172 14.56 36.63 15.66
N ALA A 173 14.22 37.59 14.80
CA ALA A 173 12.86 38.09 14.75
C ALA A 173 11.90 36.99 14.36
N ALA A 174 12.29 36.17 13.39
CA ALA A 174 11.44 35.06 12.96
C ALA A 174 11.27 34.03 14.07
N ILE A 175 12.35 33.79 14.81
CA ILE A 175 12.30 32.84 15.93
C ILE A 175 11.38 33.40 17.03
N GLN A 176 11.52 34.68 17.32
CA GLN A 176 10.68 35.33 18.31
C GLN A 176 9.22 35.23 17.88
N LYS A 177 8.99 35.39 16.59
CA LYS A 177 7.65 35.28 16.03
C LYS A 177 7.11 33.88 16.23
N LEU A 178 7.98 32.89 16.07
CA LEU A 178 7.60 31.51 16.30
C LEU A 178 7.17 31.29 17.76
N MET A 179 7.98 31.74 18.70
CA MET A 179 7.66 31.59 20.12
C MET A 179 6.38 32.31 20.49
N ASP A 180 6.24 33.56 20.04
CA ASP A 180 5.04 34.36 20.33
C ASP A 180 3.78 33.71 19.76
N THR A 181 3.91 33.13 18.57
CA THR A 181 2.77 32.44 17.98
C THR A 181 2.40 31.25 18.83
N PHE A 182 3.39 30.45 19.23
CA PHE A 182 3.09 29.27 20.02
C PHE A 182 2.45 29.65 21.35
N ALA A 183 2.89 30.75 21.94
CA ALA A 183 2.29 31.24 23.18
C ALA A 183 0.85 31.69 22.92
N ALA A 184 0.61 32.34 21.78
CA ALA A 184 -0.73 32.77 21.43
C ALA A 184 -1.65 31.56 21.23
N TYR A 185 -1.14 30.54 20.55
CA TYR A 185 -1.94 29.34 20.34
C TYR A 185 -2.22 28.64 21.68
N THR A 186 -1.23 28.65 22.56
CA THR A 186 -1.40 28.07 23.88
C THR A 186 -2.56 28.72 24.64
N GLU A 187 -2.61 30.05 24.60
CA GLU A 187 -3.66 30.78 25.30
C GLU A 187 -5.04 30.50 24.67
N PHE A 188 -5.08 30.42 23.34
CA PHE A 188 -6.28 30.01 22.61
C PHE A 188 -6.77 28.64 23.11
N THR A 189 -5.86 27.69 23.21
CA THR A 189 -6.19 26.34 23.64
C THR A 189 -6.68 26.29 25.09
N LYS A 190 -6.11 27.15 25.92
CA LYS A 190 -6.51 27.17 27.33
C LYS A 190 -7.95 27.65 27.47
N ASP A 191 -8.31 28.69 26.71
CA ASP A 191 -9.71 29.11 26.61
C ASP A 191 -10.62 27.94 26.19
N VAL A 192 -10.18 27.17 25.19
CA VAL A 192 -11.02 26.10 24.67
C VAL A 192 -11.18 25.02 25.74
N ILE A 193 -10.10 24.73 26.45
CA ILE A 193 -10.13 23.72 27.48
C ILE A 193 -11.17 24.07 28.53
N THR A 194 -11.13 25.30 29.05
CA THR A 194 -12.11 25.75 30.02
C THR A 194 -13.54 25.62 29.45
N LYS A 195 -13.73 26.02 28.20
CA LYS A 195 -15.08 25.99 27.66
C LYS A 195 -15.58 24.58 27.38
N ARG A 196 -14.70 23.72 26.87
CA ARG A 196 -15.16 22.39 26.43
C ARG A 196 -15.18 21.37 27.58
N ARG A 197 -14.56 21.70 28.70
CA ARG A 197 -14.76 20.90 29.90
C ARG A 197 -16.18 21.12 30.43
N ALA A 198 -16.67 22.35 30.34
CA ALA A 198 -18.01 22.69 30.84
C ALA A 198 -19.09 22.37 29.81
N GLU A 199 -18.80 22.66 28.55
CA GLU A 199 -19.77 22.46 27.48
C GLU A 199 -19.18 21.70 26.31
N PRO A 200 -18.91 20.41 26.52
CA PRO A 200 -18.40 19.56 25.45
C PRO A 200 -19.29 19.58 24.21
N THR A 201 -18.66 19.44 23.05
CA THR A 201 -19.35 19.39 21.77
C THR A 201 -18.86 18.15 21.05
N ASP A 202 -19.24 18.00 19.79
CA ASP A 202 -18.85 16.83 19.03
C ASP A 202 -17.56 17.03 18.22
N ASP A 203 -16.96 18.21 18.27
CA ASP A 203 -15.78 18.45 17.42
C ASP A 203 -14.52 17.86 18.06
N LEU A 204 -13.46 17.76 17.25
CA LEU A 204 -12.24 17.07 17.66
C LEU A 204 -11.48 17.78 18.76
N PHE A 205 -11.57 19.10 18.81
CA PHE A 205 -10.88 19.81 19.88
C PHE A 205 -11.53 19.42 21.20
N SER A 206 -12.86 19.44 21.26
CA SER A 206 -13.59 19.06 22.46
C SER A 206 -13.27 17.64 22.91
N VAL A 207 -13.19 16.73 21.95
CA VAL A 207 -12.92 15.33 22.25
C VAL A 207 -11.54 15.15 22.90
N LEU A 208 -10.55 15.83 22.33
CA LEU A 208 -9.21 15.81 22.91
C LEU A 208 -9.15 16.47 24.28
N VAL A 209 -9.88 17.57 24.43
CA VAL A 209 -9.90 18.29 25.71
C VAL A 209 -10.40 17.38 26.85
N ASN A 210 -11.38 16.53 26.56
CA ASN A 210 -11.96 15.64 27.57
C ASN A 210 -11.39 14.23 27.58
N SER A 211 -10.36 14.00 26.78
CA SER A 211 -9.85 12.64 26.60
C SER A 211 -9.05 12.20 27.81
N GLU A 212 -8.83 10.88 27.90
CA GLU A 212 -8.02 10.30 28.97
C GLU A 212 -6.78 9.60 28.43
N VAL A 213 -5.67 9.73 29.16
CA VAL A 213 -4.46 8.96 28.85
C VAL A 213 -3.99 8.35 30.16
N GLU A 214 -3.69 7.06 30.13
CA GLU A 214 -3.15 6.36 31.31
C GLU A 214 -3.84 6.72 32.61
N GLY A 215 -5.17 6.71 32.60
CA GLY A 215 -5.96 6.89 33.80
C GLY A 215 -6.27 8.32 34.20
N GLN A 216 -5.59 9.27 33.57
CA GLN A 216 -5.82 10.67 33.88
C GLN A 216 -6.19 11.48 32.65
N ARG A 217 -6.78 12.64 32.89
CA ARG A 217 -7.04 13.64 31.88
C ARG A 217 -5.78 13.89 31.08
N MET A 218 -5.90 14.00 29.77
CA MET A 218 -4.80 14.48 28.95
C MET A 218 -4.31 15.82 29.53
N SER A 219 -3.00 15.98 29.68
CA SER A 219 -2.45 17.21 30.28
C SER A 219 -2.72 18.43 29.39
N ASP A 220 -2.65 19.63 29.98
CA ASP A 220 -2.85 20.86 29.23
C ASP A 220 -1.83 20.97 28.10
N ASP A 221 -0.56 20.73 28.44
CA ASP A 221 0.51 20.76 27.44
C ASP A 221 0.24 19.77 26.32
N GLU A 222 -0.17 18.56 26.64
CA GLU A 222 -0.41 17.58 25.60
C GLU A 222 -1.59 17.99 24.71
N ILE A 223 -2.64 18.56 25.30
CA ILE A 223 -3.77 19.03 24.50
C ILE A 223 -3.31 20.10 23.51
N VAL A 224 -2.50 21.03 23.99
CA VAL A 224 -1.97 22.06 23.11
C VAL A 224 -1.24 21.43 21.92
N PHE A 225 -0.35 20.48 22.20
CA PHE A 225 0.48 19.91 21.14
C PHE A 225 -0.30 18.94 20.24
N GLU A 226 -1.21 18.14 20.79
CA GLU A 226 -1.96 17.21 19.95
C GLU A 226 -2.86 17.98 18.98
N THR A 227 -3.56 19.01 19.49
CA THR A 227 -4.44 19.78 18.65
C THR A 227 -3.63 20.54 17.60
N LEU A 228 -2.48 21.08 18.01
CA LEU A 228 -1.61 21.81 17.09
C LEU A 228 -1.06 20.89 15.99
N LEU A 229 -0.76 19.64 16.35
CA LEU A 229 -0.29 18.67 15.38
C LEU A 229 -1.35 18.44 14.30
N ILE A 230 -2.58 18.28 14.74
CA ILE A 230 -3.68 18.02 13.84
C ILE A 230 -3.95 19.25 12.97
N LEU A 231 -3.88 20.43 13.58
CA LEU A 231 -4.12 21.67 12.85
C LEU A 231 -3.09 21.83 11.73
N ILE A 232 -1.81 21.70 12.06
CA ILE A 232 -0.74 21.93 11.09
C ILE A 232 -0.72 20.82 10.03
N GLY A 233 -0.90 19.58 10.47
CA GLY A 233 -1.01 18.47 9.54
C GLY A 233 -2.12 18.75 8.55
N GLY A 234 -3.21 19.32 9.05
CA GLY A 234 -4.32 19.71 8.20
C GLY A 234 -4.04 20.90 7.29
N ASP A 235 -3.39 21.96 7.80
CA ASP A 235 -3.36 23.21 7.03
C ASP A 235 -2.00 23.64 6.44
N GLU A 236 -0.97 22.82 6.59
CA GLU A 236 0.32 23.15 5.99
C GLU A 236 0.87 22.03 5.10
N THR A 237 -0.02 21.21 4.55
CA THR A 237 0.42 20.05 3.78
C THR A 237 -0.33 19.94 2.46
N THR A 238 -1.61 19.59 2.53
CA THR A 238 -2.42 19.38 1.33
C THR A 238 -2.34 20.55 0.38
N ARG A 239 -2.22 21.76 0.95
CA ARG A 239 -2.16 22.98 0.16
C ARG A 239 -1.03 22.95 -0.87
N HIS A 240 0.06 22.29 -0.54
CA HIS A 240 1.24 22.32 -1.39
C HIS A 240 1.11 21.30 -2.53
N THR A 241 0.37 20.23 -2.29
CA THR A 241 0.09 19.29 -3.35
C THR A 241 -0.94 19.88 -4.29
N LEU A 242 -1.93 20.59 -3.73
CA LEU A 242 -2.89 21.31 -4.58
C LEU A 242 -2.19 22.31 -5.49
N SER A 243 -1.33 23.16 -4.92
CA SER A 243 -0.69 24.21 -5.72
C SER A 243 0.42 23.64 -6.61
N GLY A 244 1.38 22.97 -5.98
CA GLY A 244 2.49 22.39 -6.73
C GLY A 244 2.03 21.35 -7.73
N GLY A 245 1.02 20.58 -7.37
CA GLY A 245 0.52 19.53 -8.24
C GLY A 245 -0.21 20.10 -9.44
N THR A 246 -1.04 21.10 -9.19
CA THR A 246 -1.76 21.75 -10.27
C THR A 246 -0.78 22.46 -11.20
N GLU A 247 0.27 23.05 -10.63
CA GLU A 247 1.31 23.63 -11.47
C GLU A 247 1.86 22.61 -12.46
N GLN A 248 2.19 21.42 -11.97
CA GLN A 248 2.72 20.39 -12.87
C GLN A 248 1.72 20.01 -13.96
N LEU A 249 0.43 19.99 -13.64
CA LEU A 249 -0.57 19.67 -14.65
C LEU A 249 -0.63 20.76 -15.73
N LEU A 250 -0.53 22.02 -15.29
CA LEU A 250 -0.58 23.15 -16.23
C LEU A 250 0.66 23.20 -17.11
N ARG A 251 1.80 22.79 -16.55
CA ARG A 251 3.04 22.72 -17.32
C ARG A 251 3.14 21.46 -18.19
N HIS A 252 2.21 20.53 -18.01
CA HIS A 252 2.12 19.36 -18.90
C HIS A 252 0.73 19.33 -19.49
N ARG A 253 0.43 20.29 -20.36
CA ARG A 253 -0.95 20.56 -20.73
C ARG A 253 -1.67 19.39 -21.40
N ASP A 254 -0.92 18.48 -22.02
CA ASP A 254 -1.52 17.26 -22.56
C ASP A 254 -2.23 16.51 -21.45
N GLN A 255 -1.58 16.46 -20.30
CA GLN A 255 -2.13 15.76 -19.13
C GLN A 255 -3.29 16.53 -18.51
N TRP A 256 -3.18 17.86 -18.48
CA TRP A 256 -4.30 18.71 -18.05
C TRP A 256 -5.52 18.43 -18.92
N ASP A 257 -5.30 18.47 -20.23
CA ASP A 257 -6.34 18.18 -21.20
C ASP A 257 -6.98 16.80 -21.02
N ALA A 258 -6.17 15.79 -20.74
CA ALA A 258 -6.72 14.45 -20.54
C ALA A 258 -7.63 14.43 -19.32
N LEU A 259 -7.24 15.18 -18.29
CA LEU A 259 -8.02 15.26 -17.05
C LEU A 259 -9.31 16.04 -17.23
N VAL A 260 -9.24 17.10 -18.02
CA VAL A 260 -10.45 17.87 -18.29
C VAL A 260 -11.43 17.01 -19.08
N ALA A 261 -10.91 16.14 -19.94
CA ALA A 261 -11.74 15.24 -20.75
C ALA A 261 -12.23 13.99 -20.02
N ASP A 262 -11.51 13.56 -19.00
CA ASP A 262 -11.87 12.31 -18.32
C ASP A 262 -11.51 12.38 -16.84
N VAL A 263 -12.52 12.63 -16.01
CA VAL A 263 -12.27 12.80 -14.58
C VAL A 263 -11.89 11.46 -13.95
N ASP A 264 -12.16 10.36 -14.65
CA ASP A 264 -11.78 9.05 -14.13
C ASP A 264 -10.26 8.91 -14.03
N LEU A 265 -9.50 9.82 -14.65
CA LEU A 265 -8.04 9.79 -14.55
C LEU A 265 -7.54 10.54 -13.30
N LEU A 266 -8.46 11.18 -12.58
CA LEU A 266 -8.06 12.04 -11.47
C LEU A 266 -7.37 11.30 -10.31
N PRO A 267 -7.87 10.10 -9.92
CA PRO A 267 -7.17 9.47 -8.80
C PRO A 267 -5.69 9.19 -9.08
N GLY A 268 -5.36 8.71 -10.28
CA GLY A 268 -3.98 8.45 -10.63
C GLY A 268 -3.16 9.74 -10.64
N ALA A 269 -3.75 10.80 -11.18
CA ALA A 269 -3.12 12.12 -11.16
C ALA A 269 -2.79 12.58 -9.73
N ILE A 270 -3.71 12.34 -8.80
CA ILE A 270 -3.53 12.79 -7.42
C ILE A 270 -2.29 12.14 -6.80
N GLU A 271 -2.09 10.86 -7.09
CA GLU A 271 -0.94 10.16 -6.53
C GLU A 271 0.36 10.74 -7.08
N GLU A 272 0.37 11.09 -8.36
CA GLU A 272 1.57 11.68 -8.95
C GLU A 272 1.78 13.10 -8.42
N MET A 273 0.68 13.83 -8.23
CA MET A 273 0.77 15.14 -7.60
C MET A 273 1.40 15.04 -6.20
N LEU A 274 0.99 14.01 -5.47
CA LEU A 274 1.55 13.75 -4.15
C LEU A 274 3.03 13.38 -4.23
N ARG A 275 3.37 12.43 -5.09
CA ARG A 275 4.77 12.00 -5.20
C ARG A 275 5.65 13.19 -5.53
N TRP A 276 5.21 14.00 -6.49
CA TRP A 276 6.03 15.09 -7.02
C TRP A 276 6.23 16.18 -5.98
N THR A 277 5.16 16.58 -5.33
CA THR A 277 5.22 17.75 -4.46
C THR A 277 5.89 17.42 -3.13
N SER A 278 5.72 16.20 -2.65
CA SER A 278 6.23 15.75 -1.36
C SER A 278 6.28 16.87 -0.32
N PRO A 279 5.12 17.38 0.10
CA PRO A 279 5.04 18.54 1.00
C PRO A 279 5.88 18.42 2.29
N VAL A 280 5.87 17.26 2.95
CA VAL A 280 6.74 17.03 4.09
C VAL A 280 8.11 16.55 3.60
N LYS A 281 9.12 17.40 3.77
CA LYS A 281 10.44 17.19 3.18
C LYS A 281 11.24 16.17 3.94
N ASN A 282 11.01 16.12 5.24
CA ASN A 282 11.69 15.19 6.11
C ASN A 282 11.01 15.03 7.46
N MET A 283 11.32 13.92 8.12
CA MET A 283 10.97 13.62 9.50
C MET A 283 12.17 12.93 10.12
N CYS A 284 12.45 13.22 11.38
CA CYS A 284 13.63 12.64 12.03
C CYS A 284 13.30 11.37 12.80
N ARG A 285 14.31 10.52 12.95
CA ARG A 285 14.26 9.40 13.88
C ARG A 285 15.49 9.48 14.76
N THR A 286 15.44 8.84 15.93
CA THR A 286 16.59 8.83 16.84
C THR A 286 17.10 7.41 17.06
N LEU A 287 18.36 7.19 16.72
CA LEU A 287 19.01 5.90 16.85
C LEU A 287 19.08 5.49 18.32
N THR A 288 18.68 4.26 18.61
CA THR A 288 18.69 3.76 19.99
C THR A 288 19.94 2.90 20.24
N ALA A 289 20.76 2.74 19.21
CA ALA A 289 21.99 1.95 19.30
C ALA A 289 22.94 2.27 18.15
N ASP A 290 24.24 2.14 18.38
CA ASP A 290 25.23 2.27 17.31
C ASP A 290 24.91 1.25 16.23
N THR A 291 24.97 1.65 14.97
CA THR A 291 24.76 0.71 13.87
C THR A 291 25.36 1.18 12.56
N VAL A 292 25.61 0.24 11.65
CA VAL A 292 25.98 0.58 10.29
C VAL A 292 24.72 0.34 9.44
N PHE A 293 24.41 1.31 8.60
CA PHE A 293 23.11 1.37 7.93
C PHE A 293 23.32 1.90 6.51
N HIS A 294 23.18 1.00 5.53
CA HIS A 294 23.38 1.34 4.12
C HIS A 294 24.70 2.08 3.87
N GLY A 295 25.77 1.61 4.51
CA GLY A 295 27.10 2.12 4.21
C GLY A 295 27.63 3.13 5.21
N THR A 296 26.75 3.66 6.06
CA THR A 296 27.14 4.70 7.02
C THR A 296 27.03 4.23 8.46
N GLU A 297 28.06 4.48 9.25
CA GLU A 297 27.98 4.18 10.68
C GLU A 297 27.24 5.27 11.44
N LEU A 298 26.17 4.88 12.12
CA LEU A 298 25.38 5.80 12.91
C LEU A 298 25.64 5.53 14.39
N ARG A 299 25.55 6.56 15.21
CA ARG A 299 25.77 6.39 16.64
C ARG A 299 24.49 6.63 17.44
N ALA A 300 24.33 5.89 18.53
CA ALA A 300 23.14 5.99 19.38
C ALA A 300 22.92 7.42 19.88
N GLY A 301 21.67 7.87 19.85
CA GLY A 301 21.33 9.21 20.31
C GLY A 301 21.38 10.25 19.21
N GLU A 302 22.05 9.92 18.11
CA GLU A 302 22.11 10.80 16.95
C GLU A 302 20.82 10.70 16.15
N LYS A 303 20.44 11.78 15.48
CA LYS A 303 19.23 11.73 14.65
C LYS A 303 19.55 11.47 13.20
N ILE A 304 18.57 10.93 12.49
CA ILE A 304 18.66 10.75 11.05
C ILE A 304 17.40 11.32 10.39
N MET A 305 17.59 12.08 9.32
CA MET A 305 16.47 12.66 8.57
C MET A 305 15.95 11.71 7.49
N LEU A 306 14.68 11.34 7.59
CA LEU A 306 14.01 10.60 6.54
C LEU A 306 13.64 11.57 5.42
N MET A 307 14.32 11.48 4.28
CA MET A 307 14.16 12.46 3.20
C MET A 307 13.14 12.00 2.17
N PHE A 308 11.87 12.27 2.45
CA PHE A 308 10.76 11.74 1.65
C PHE A 308 10.76 12.16 0.19
N GLU A 309 11.15 13.39 -0.11
CA GLU A 309 11.18 13.81 -1.51
C GLU A 309 12.29 13.05 -2.24
N SER A 310 13.44 12.92 -1.60
CA SER A 310 14.55 12.17 -2.19
C SER A 310 14.12 10.73 -2.48
N ALA A 311 13.44 10.11 -1.51
CA ALA A 311 12.92 8.75 -1.71
C ALA A 311 11.92 8.70 -2.85
N ASN A 312 11.10 9.73 -2.99
CA ASN A 312 10.05 9.75 -4.03
C ASN A 312 10.58 9.97 -5.46
N PHE A 313 11.88 10.22 -5.57
CA PHE A 313 12.49 10.38 -6.89
C PHE A 313 13.61 9.36 -7.09
N ASP A 314 13.52 8.25 -6.35
CA ASP A 314 14.47 7.16 -6.42
C ASP A 314 14.30 6.40 -7.74
N GLU A 315 15.32 6.46 -8.58
CA GLU A 315 15.27 5.85 -9.90
C GLU A 315 15.06 4.34 -9.84
N SER A 316 15.73 3.70 -8.88
CA SER A 316 15.66 2.25 -8.75
C SER A 316 14.25 1.76 -8.46
N VAL A 317 13.42 2.62 -7.90
CA VAL A 317 12.05 2.25 -7.57
C VAL A 317 11.06 2.68 -8.66
N PHE A 318 11.18 3.91 -9.12
CA PHE A 318 10.15 4.45 -10.00
C PHE A 318 10.50 4.35 -11.48
N GLY A 319 11.77 4.11 -11.80
CA GLY A 319 12.18 3.94 -13.19
C GLY A 319 12.45 5.28 -13.84
N ASP A 320 11.39 6.07 -14.05
CA ASP A 320 11.52 7.41 -14.60
C ASP A 320 10.91 8.50 -13.69
N PRO A 321 11.44 8.64 -12.46
CA PRO A 321 10.86 9.59 -11.49
C PRO A 321 10.88 11.07 -11.93
N ASP A 322 11.82 11.44 -12.80
CA ASP A 322 11.96 12.84 -13.17
C ASP A 322 10.93 13.28 -14.23
N ASN A 323 10.12 12.33 -14.70
CA ASN A 323 8.99 12.69 -15.55
C ASN A 323 7.73 12.75 -14.72
N PHE A 324 7.04 13.88 -14.75
CA PHE A 324 5.74 13.95 -14.12
C PHE A 324 4.76 13.18 -15.01
N ARG A 325 4.11 12.15 -14.46
CA ARG A 325 3.15 11.37 -15.25
C ARG A 325 1.90 11.04 -14.46
N ILE A 326 0.75 11.62 -14.81
CA ILE A 326 -0.50 11.24 -14.16
C ILE A 326 -0.91 9.79 -14.43
N ASP A 327 -0.29 9.15 -15.41
CA ASP A 327 -0.59 7.74 -15.67
C ASP A 327 0.39 6.79 -14.95
N ARG A 328 1.17 7.33 -14.00
CA ARG A 328 2.15 6.50 -13.29
C ARG A 328 1.43 5.43 -12.48
N ASN A 329 1.78 4.18 -12.75
CA ASN A 329 1.02 3.05 -12.23
C ASN A 329 1.79 1.73 -12.30
N PRO A 330 2.10 1.13 -11.13
CA PRO A 330 1.74 1.63 -9.80
C PRO A 330 2.58 2.83 -9.39
N ASN A 331 2.17 3.47 -8.29
CA ASN A 331 2.85 4.67 -7.81
C ASN A 331 3.02 4.53 -6.30
N SER A 332 4.17 3.99 -5.88
CA SER A 332 4.37 3.60 -4.49
C SER A 332 5.07 4.69 -3.69
N HIS A 333 4.67 5.95 -3.91
CA HIS A 333 5.32 7.06 -3.23
C HIS A 333 5.17 6.97 -1.73
N VAL A 334 6.05 7.65 -1.00
CA VAL A 334 5.95 7.72 0.45
C VAL A 334 5.80 9.18 0.89
N ALA A 335 4.97 9.93 0.18
CA ALA A 335 4.64 11.29 0.60
C ALA A 335 3.99 11.31 2.00
N PHE A 336 3.25 10.25 2.35
CA PHE A 336 2.56 10.17 3.64
C PHE A 336 3.35 9.40 4.69
N GLY A 337 4.61 9.08 4.39
CA GLY A 337 5.39 8.27 5.31
C GLY A 337 5.08 6.78 5.18
N PHE A 338 5.28 6.05 6.26
CA PHE A 338 5.16 4.59 6.22
C PHE A 338 5.23 4.03 7.65
N GLY A 339 4.50 2.94 7.87
CA GLY A 339 4.57 2.22 9.13
C GLY A 339 3.81 2.85 10.29
N THR A 340 4.43 2.81 11.46
CA THR A 340 3.81 3.28 12.70
C THR A 340 3.11 4.62 12.57
N HIS A 341 3.80 5.60 12.02
CA HIS A 341 3.29 6.97 12.02
C HIS A 341 2.66 7.38 10.71
N PHE A 342 2.32 6.40 9.86
CA PHE A 342 1.68 6.64 8.55
C PHE A 342 0.56 7.67 8.70
N CYS A 343 0.61 8.70 7.86
CA CYS A 343 -0.25 9.88 7.99
C CYS A 343 -1.69 9.59 8.43
N LEU A 344 -2.07 10.13 9.58
CA LEU A 344 -3.45 10.05 10.06
C LEU A 344 -4.44 10.60 9.04
N GLY A 345 -4.07 11.68 8.38
CA GLY A 345 -5.02 12.37 7.55
C GLY A 345 -4.95 12.03 6.08
N ASN A 346 -4.25 10.96 5.71
CA ASN A 346 -3.95 10.72 4.29
C ASN A 346 -5.19 10.58 3.42
N GLN A 347 -6.27 10.02 3.97
CA GLN A 347 -7.49 9.83 3.19
C GLN A 347 -8.27 11.14 3.10
N LEU A 348 -8.24 11.89 4.20
CA LEU A 348 -8.80 13.24 4.19
C LEU A 348 -8.09 14.09 3.13
N ALA A 349 -6.76 13.98 3.08
CA ALA A 349 -5.96 14.78 2.16
C ALA A 349 -6.30 14.39 0.72
N ARG A 350 -6.42 13.10 0.47
CA ARG A 350 -6.73 12.62 -0.88
C ARG A 350 -8.11 13.10 -1.29
N LEU A 351 -9.03 13.18 -0.34
CA LEU A 351 -10.38 13.61 -0.66
C LEU A 351 -10.40 15.10 -1.00
N GLU A 352 -9.74 15.90 -0.17
CA GLU A 352 -9.55 17.32 -0.45
C GLU A 352 -9.00 17.52 -1.86
N LEU A 353 -7.95 16.79 -2.18
CA LEU A 353 -7.31 16.91 -3.49
C LEU A 353 -8.30 16.54 -4.59
N ARG A 354 -9.02 15.44 -4.42
CA ARG A 354 -9.99 15.01 -5.43
C ARG A 354 -11.13 16.03 -5.58
N LEU A 355 -11.77 16.41 -4.48
CA LEU A 355 -12.94 17.28 -4.58
C LEU A 355 -12.61 18.67 -5.13
N MET A 356 -11.47 19.24 -4.71
CA MET A 356 -11.11 20.56 -5.22
C MET A 356 -10.67 20.48 -6.68
N THR A 357 -9.82 19.51 -7.00
CA THR A 357 -9.21 19.47 -8.32
C THR A 357 -10.28 19.18 -9.38
N GLU A 358 -11.25 18.33 -9.04
CA GLU A 358 -12.28 18.03 -10.02
C GLU A 358 -13.12 19.28 -10.27
N ARG A 359 -13.27 20.12 -9.25
CA ARG A 359 -14.03 21.36 -9.45
C ARG A 359 -13.24 22.36 -10.28
N VAL A 360 -11.93 22.44 -10.05
CA VAL A 360 -11.08 23.32 -10.83
C VAL A 360 -11.08 22.91 -12.31
N LEU A 361 -10.92 21.61 -12.56
CA LEU A 361 -10.92 21.09 -13.92
C LEU A 361 -12.23 21.45 -14.63
N ARG A 362 -13.32 21.33 -13.87
CA ARG A 362 -14.69 21.50 -14.35
C ARG A 362 -15.09 22.96 -14.60
N ARG A 363 -14.76 23.83 -13.67
CA ARG A 363 -15.24 25.20 -13.70
C ARG A 363 -14.20 26.16 -14.26
N LEU A 364 -12.92 25.77 -14.21
CA LEU A 364 -11.87 26.55 -14.82
C LEU A 364 -11.08 25.74 -15.87
N PRO A 365 -11.77 25.19 -16.89
CA PRO A 365 -11.12 24.26 -17.82
C PRO A 365 -9.96 24.85 -18.62
N ASP A 366 -9.94 26.16 -18.88
CA ASP A 366 -8.82 26.73 -19.62
C ASP A 366 -7.85 27.47 -18.70
N LEU A 367 -7.78 27.02 -17.44
CA LEU A 367 -6.81 27.55 -16.49
C LEU A 367 -5.41 27.49 -17.07
N ARG A 368 -4.60 28.49 -16.76
CA ARG A 368 -3.19 28.43 -17.11
C ARG A 368 -2.41 29.37 -16.21
N LEU A 369 -1.11 29.15 -16.09
CA LEU A 369 -0.25 30.01 -15.31
C LEU A 369 -0.25 31.42 -15.92
N ALA A 370 -0.28 32.46 -15.09
CA ALA A 370 -0.36 33.83 -15.60
C ALA A 370 0.90 34.21 -16.36
N ASP A 371 2.02 33.67 -15.91
CA ASP A 371 3.32 33.82 -16.52
C ASP A 371 3.94 32.43 -16.45
N ASP A 372 5.01 32.17 -17.19
CA ASP A 372 5.60 30.83 -17.14
C ASP A 372 6.90 30.82 -16.31
N ALA A 373 7.23 31.97 -15.74
CA ALA A 373 8.39 32.11 -14.85
C ALA A 373 8.22 31.24 -13.60
N PRO A 374 9.34 30.87 -12.94
CA PRO A 374 9.33 30.02 -11.75
C PRO A 374 8.32 30.40 -10.67
N VAL A 375 7.62 29.38 -10.18
CA VAL A 375 6.76 29.50 -9.02
C VAL A 375 7.63 29.39 -7.76
N PRO A 376 7.73 30.50 -6.99
CA PRO A 376 8.63 30.55 -5.82
C PRO A 376 8.23 29.58 -4.71
N LEU A 377 9.21 28.97 -4.07
CA LEU A 377 8.95 28.01 -2.99
C LEU A 377 9.32 28.61 -1.63
N ARG A 378 8.64 28.16 -0.58
CA ARG A 378 8.91 28.63 0.77
C ARG A 378 10.23 28.08 1.30
N PRO A 379 11.17 28.97 1.67
CA PRO A 379 12.47 28.52 2.21
C PRO A 379 12.33 28.04 3.65
N ALA A 380 11.82 26.83 3.82
CA ALA A 380 11.67 26.23 5.14
C ALA A 380 12.14 24.78 5.05
N ASN A 381 12.48 24.17 6.18
CA ASN A 381 13.16 22.87 6.13
C ASN A 381 12.28 21.68 6.47
N PHE A 382 10.98 21.92 6.64
CA PHE A 382 10.09 20.88 7.12
C PHE A 382 8.96 20.64 6.12
N VAL A 383 7.94 21.48 6.15
CA VAL A 383 6.92 21.45 5.10
C VAL A 383 7.20 22.63 4.20
N SER A 384 7.07 22.44 2.89
CA SER A 384 7.27 23.51 1.93
C SER A 384 6.58 23.24 0.61
N GLY A 385 6.15 24.31 -0.03
CA GLY A 385 5.58 24.26 -1.37
C GLY A 385 5.52 25.69 -1.89
N PRO A 386 4.81 25.90 -3.01
CA PRO A 386 4.67 27.21 -3.65
C PRO A 386 4.17 28.34 -2.73
N GLU A 387 4.85 29.48 -2.78
CA GLU A 387 4.46 30.66 -2.00
C GLU A 387 3.27 31.36 -2.64
N SER A 388 3.32 31.45 -3.96
CA SER A 388 2.26 32.09 -4.74
C SER A 388 2.19 31.43 -6.12
N MET A 389 1.11 31.67 -6.84
CA MET A 389 0.88 31.01 -8.13
C MET A 389 -0.24 31.74 -8.89
N PRO A 390 0.10 32.88 -9.55
CA PRO A 390 -0.89 33.61 -10.33
C PRO A 390 -1.43 32.76 -11.46
N VAL A 391 -2.75 32.73 -11.64
CA VAL A 391 -3.34 31.99 -12.75
C VAL A 391 -4.42 32.81 -13.44
N VAL A 392 -4.74 32.43 -14.67
CA VAL A 392 -5.78 33.09 -15.45
C VAL A 392 -6.71 32.07 -16.10
N PHE A 393 -7.91 32.50 -16.43
CA PHE A 393 -8.92 31.61 -16.96
C PHE A 393 -10.06 32.46 -17.49
N THR A 394 -10.88 31.89 -18.39
CA THR A 394 -12.08 32.57 -18.83
C THR A 394 -13.06 32.65 -17.66
N PRO A 395 -13.63 33.85 -17.41
CA PRO A 395 -14.59 33.98 -16.32
C PRO A 395 -15.75 33.01 -16.47
N SER A 396 -16.21 32.48 -15.36
CA SER A 396 -17.30 31.51 -15.37
C SER A 396 -18.29 31.84 -14.27
N ALA A 397 -19.42 31.14 -14.29
CA ALA A 397 -20.53 31.41 -13.40
C ALA A 397 -20.34 30.71 -12.05
N PRO A 398 -20.77 31.38 -10.96
CA PRO A 398 -20.77 30.77 -9.63
C PRO A 398 -21.81 29.66 -9.55
N VAL A 399 -21.62 28.72 -8.62
CA VAL A 399 -22.54 27.58 -8.54
C VAL A 399 -23.46 27.63 -7.33
N LEU A 400 -23.05 28.34 -6.30
CA LEU A 400 -23.81 28.44 -5.07
C LEU A 400 -24.51 29.76 -5.10
N ALA A 401 -23.74 30.83 -5.13
CA ALA A 401 -24.22 32.16 -5.49
C ALA A 401 -24.94 32.12 -6.82
N HIS A 402 -26.05 32.85 -6.91
CA HIS A 402 -26.92 32.89 -8.07
C HIS A 402 -27.83 31.65 -8.20
N HIS A 403 -27.71 30.73 -7.26
CA HIS A 403 -28.51 29.50 -7.37
C HIS A 403 -29.14 29.12 -6.02
N HIS A 404 -29.29 30.16 -5.21
CA HIS A 404 -30.32 30.52 -4.20
C HIS A 404 -29.54 30.84 -2.91
N HIS A 405 -28.23 31.02 -3.04
CA HIS A 405 -27.37 31.70 -2.07
C HIS A 405 -25.91 31.65 -2.52
N THR B 2 -28.68 -11.62 -15.00
CA THR B 2 -29.48 -10.55 -15.57
C THR B 2 -29.26 -10.73 -17.08
N GLN B 3 -30.20 -10.29 -17.93
CA GLN B 3 -30.03 -10.42 -19.37
C GLN B 3 -29.00 -9.37 -19.84
N MET B 4 -29.02 -9.05 -21.13
CA MET B 4 -27.87 -8.45 -21.84
C MET B 4 -27.46 -7.00 -21.55
N LEU B 5 -28.37 -6.17 -21.05
CA LEU B 5 -28.05 -4.77 -20.78
C LEU B 5 -27.10 -4.55 -19.59
N THR B 6 -26.85 -5.60 -18.83
CA THR B 6 -25.94 -5.48 -17.72
C THR B 6 -24.79 -6.46 -17.93
N ARG B 7 -24.57 -6.86 -19.19
CA ARG B 7 -23.41 -7.68 -19.51
C ARG B 7 -22.18 -6.92 -19.07
N PRO B 8 -21.35 -7.57 -18.25
CA PRO B 8 -20.11 -6.88 -17.87
C PRO B 8 -19.26 -6.54 -19.10
N ASP B 9 -18.67 -5.35 -19.07
CA ASP B 9 -17.78 -4.85 -20.10
C ASP B 9 -16.39 -4.80 -19.51
N VAL B 10 -15.68 -5.93 -19.56
CA VAL B 10 -14.45 -6.03 -18.79
C VAL B 10 -13.30 -6.61 -19.57
N ASP B 11 -12.11 -6.23 -19.14
CA ASP B 11 -10.85 -6.79 -19.61
C ASP B 11 -10.27 -7.65 -18.47
N LEU B 12 -10.32 -8.97 -18.65
CA LEU B 12 -9.93 -9.87 -17.57
C LEU B 12 -8.44 -9.89 -17.33
N VAL B 13 -7.69 -9.15 -18.16
CA VAL B 13 -6.24 -9.03 -18.02
C VAL B 13 -5.94 -7.74 -17.24
N ASN B 14 -6.97 -6.95 -17.01
CA ASN B 14 -6.80 -5.73 -16.23
C ASN B 14 -6.85 -6.05 -14.73
N GLY B 15 -5.74 -5.83 -14.04
CA GLY B 15 -5.68 -6.04 -12.59
C GLY B 15 -6.73 -5.31 -11.76
N MET B 16 -7.15 -4.12 -12.23
CA MET B 16 -8.20 -3.37 -11.54
C MET B 16 -9.51 -4.14 -11.40
N PHE B 17 -9.77 -5.03 -12.36
CA PHE B 17 -10.98 -5.85 -12.32
C PHE B 17 -11.01 -6.68 -11.06
N TYR B 18 -9.83 -7.11 -10.63
CA TYR B 18 -9.72 -8.01 -9.50
C TYR B 18 -9.59 -7.28 -8.17
N ALA B 19 -9.52 -5.95 -8.22
CA ALA B 19 -9.28 -5.18 -7.00
C ALA B 19 -10.36 -4.14 -6.70
N ASP B 20 -11.15 -3.75 -7.69
CA ASP B 20 -12.10 -2.65 -7.46
C ASP B 20 -13.39 -3.13 -6.80
N GLY B 21 -13.48 -4.43 -6.56
CA GLY B 21 -14.57 -5.00 -5.79
C GLY B 21 -15.81 -5.31 -6.60
N GLY B 22 -15.69 -5.26 -7.93
CA GLY B 22 -16.82 -5.54 -8.79
C GLY B 22 -16.80 -6.93 -9.39
N ALA B 23 -15.75 -7.70 -9.11
CA ALA B 23 -15.59 -9.01 -9.76
C ALA B 23 -16.72 -9.97 -9.40
N ARG B 24 -17.12 -9.99 -8.13
CA ARG B 24 -18.16 -10.92 -7.65
C ARG B 24 -19.46 -10.82 -8.43
N GLU B 25 -19.95 -9.59 -8.61
CA GLU B 25 -21.18 -9.36 -9.35
C GLU B 25 -21.02 -9.76 -10.82
N ALA B 26 -19.87 -9.43 -11.39
CA ALA B 26 -19.59 -9.79 -12.75
C ALA B 26 -19.60 -11.32 -12.90
N TYR B 27 -18.89 -12.02 -12.01
CA TYR B 27 -18.89 -13.48 -12.02
C TYR B 27 -20.32 -13.99 -11.96
N ARG B 28 -21.13 -13.38 -11.09
CA ARG B 28 -22.52 -13.79 -10.94
C ARG B 28 -23.28 -13.67 -12.25
N TRP B 29 -23.09 -12.56 -12.97
CA TRP B 29 -23.72 -12.41 -14.28
C TRP B 29 -23.25 -13.52 -15.23
N MET B 30 -21.95 -13.76 -15.24
CA MET B 30 -21.33 -14.72 -16.15
C MET B 30 -21.88 -16.13 -15.94
N ARG B 31 -21.88 -16.59 -14.69
CA ARG B 31 -22.36 -17.92 -14.36
C ARG B 31 -23.81 -18.06 -14.79
N ALA B 32 -24.60 -17.02 -14.53
CA ALA B 32 -26.02 -17.00 -14.84
C ALA B 32 -26.34 -17.00 -16.34
N ASN B 33 -25.56 -16.26 -17.12
CA ASN B 33 -25.95 -16.01 -18.51
C ASN B 33 -25.00 -16.49 -19.59
N GLU B 34 -23.72 -16.63 -19.25
CA GLU B 34 -22.74 -16.98 -20.26
C GLU B 34 -21.55 -17.65 -19.59
N PRO B 35 -21.73 -18.91 -19.16
CA PRO B 35 -20.80 -19.64 -18.27
C PRO B 35 -19.39 -19.72 -18.80
N VAL B 36 -19.25 -19.90 -20.11
CA VAL B 36 -17.97 -19.72 -20.76
C VAL B 36 -18.02 -18.36 -21.43
N PHE B 37 -17.44 -17.38 -20.75
CA PHE B 37 -17.64 -15.97 -21.05
C PHE B 37 -16.52 -15.44 -21.94
N ARG B 38 -16.84 -14.49 -22.81
CA ARG B 38 -15.80 -13.83 -23.60
C ARG B 38 -15.77 -12.36 -23.18
N ASP B 39 -14.61 -11.87 -22.75
CA ASP B 39 -14.54 -10.49 -22.28
C ASP B 39 -14.42 -9.55 -23.49
N ARG B 40 -14.22 -8.25 -23.26
CA ARG B 40 -14.37 -7.31 -24.36
C ARG B 40 -13.25 -7.38 -25.38
N ASN B 41 -12.21 -8.17 -25.10
CA ASN B 41 -11.17 -8.48 -26.08
C ASN B 41 -11.29 -9.88 -26.66
N GLY B 42 -12.40 -10.55 -26.39
CA GLY B 42 -12.63 -11.89 -26.91
C GLY B 42 -11.95 -13.01 -26.11
N LEU B 43 -11.34 -12.68 -24.97
CA LEU B 43 -10.65 -13.69 -24.17
C LEU B 43 -11.68 -14.59 -23.49
N ALA B 44 -11.59 -15.90 -23.73
CA ALA B 44 -12.56 -16.83 -23.17
C ALA B 44 -12.24 -17.16 -21.70
N ALA B 45 -13.28 -17.44 -20.92
CA ALA B 45 -13.11 -17.72 -19.49
C ALA B 45 -14.16 -18.72 -19.00
N ALA B 46 -13.72 -19.76 -18.29
CA ALA B 46 -14.65 -20.67 -17.64
C ALA B 46 -15.00 -20.12 -16.25
N THR B 47 -16.29 -19.80 -16.03
CA THR B 47 -16.69 -19.04 -14.83
C THR B 47 -17.53 -19.86 -13.85
N THR B 48 -18.08 -20.97 -14.30
CA THR B 48 -18.85 -21.82 -13.39
C THR B 48 -17.95 -22.90 -12.83
N TYR B 49 -18.37 -23.45 -11.70
CA TYR B 49 -17.63 -24.52 -11.05
C TYR B 49 -17.54 -25.72 -11.98
N GLN B 50 -18.64 -26.03 -12.64
CA GLN B 50 -18.66 -27.20 -13.53
C GLN B 50 -17.75 -27.01 -14.73
N ALA B 51 -17.71 -25.80 -15.28
CA ALA B 51 -16.85 -25.57 -16.44
C ALA B 51 -15.39 -25.65 -16.05
N VAL B 52 -15.04 -25.12 -14.87
CA VAL B 52 -13.65 -25.19 -14.44
C VAL B 52 -13.24 -26.66 -14.25
N LEU B 53 -14.03 -27.40 -13.49
CA LEU B 53 -13.77 -28.83 -13.32
C LEU B 53 -13.71 -29.58 -14.65
N ASP B 54 -14.67 -29.33 -15.54
CA ASP B 54 -14.66 -30.03 -16.82
C ASP B 54 -13.36 -29.80 -17.59
N ALA B 55 -12.88 -28.57 -17.61
CA ALA B 55 -11.63 -28.27 -18.33
C ALA B 55 -10.44 -28.95 -17.67
N GLU B 56 -10.43 -28.92 -16.34
CA GLU B 56 -9.35 -29.53 -15.58
C GLU B 56 -9.26 -31.03 -15.80
N ARG B 57 -10.41 -31.68 -15.95
N ARG B 57 -10.40 -31.68 -15.95
CA ARG B 57 -10.48 -33.13 -16.11
CA ARG B 57 -10.44 -33.14 -16.11
C ARG B 57 -10.10 -33.60 -17.50
C ARG B 57 -10.05 -33.59 -17.51
N ASN B 58 -9.93 -32.65 -18.43
CA ASN B 58 -9.63 -32.97 -19.82
C ASN B 58 -8.43 -32.19 -20.35
N PRO B 59 -7.22 -32.50 -19.85
CA PRO B 59 -6.02 -31.80 -20.29
C PRO B 59 -5.69 -32.05 -21.76
N GLU B 60 -6.13 -33.18 -22.30
CA GLU B 60 -5.89 -33.49 -23.70
C GLU B 60 -6.48 -32.41 -24.60
N LEU B 61 -7.66 -31.92 -24.22
CA LEU B 61 -8.32 -30.86 -24.98
C LEU B 61 -7.91 -29.48 -24.46
N PHE B 62 -7.75 -29.38 -23.14
CA PHE B 62 -7.38 -28.12 -22.49
C PHE B 62 -5.95 -28.18 -21.99
N SER B 63 -4.99 -27.92 -22.87
CA SER B 63 -3.57 -28.12 -22.59
C SER B 63 -2.96 -26.98 -21.78
N SER B 64 -1.84 -27.27 -21.12
CA SER B 64 -1.12 -26.25 -20.36
C SER B 64 0.14 -25.75 -21.07
N THR B 65 0.51 -26.36 -22.20
CA THR B 65 1.78 -26.01 -22.82
C THR B 65 1.76 -24.66 -23.51
N GLY B 66 0.59 -24.06 -23.64
CA GLY B 66 0.50 -22.74 -24.28
C GLY B 66 0.88 -21.60 -23.33
N GLY B 67 0.99 -21.91 -22.04
CA GLY B 67 1.39 -20.92 -21.06
C GLY B 67 0.21 -20.50 -20.20
N ILE B 68 0.44 -20.44 -18.88
CA ILE B 68 -0.66 -20.24 -17.94
C ILE B 68 -1.20 -18.82 -17.88
N ARG B 69 -0.55 -17.87 -18.56
CA ARG B 69 -1.01 -16.47 -18.57
C ARG B 69 -1.59 -16.14 -19.95
N PRO B 70 -2.60 -15.25 -19.99
CA PRO B 70 -3.30 -14.98 -21.26
C PRO B 70 -2.41 -14.34 -22.33
N ASP B 71 -1.36 -13.66 -21.91
CA ASP B 71 -0.55 -12.85 -22.81
C ASP B 71 0.91 -13.30 -22.91
N GLN B 72 1.22 -14.50 -22.45
CA GLN B 72 2.59 -15.02 -22.51
C GLN B 72 2.58 -16.45 -23.02
N PRO B 73 3.63 -16.86 -23.76
CA PRO B 73 3.78 -18.22 -24.29
C PRO B 73 4.23 -19.22 -23.23
N GLY B 74 4.24 -20.50 -23.55
CA GLY B 74 4.73 -21.52 -22.63
C GLY B 74 6.17 -21.28 -22.21
N MET B 75 6.45 -21.50 -20.94
CA MET B 75 7.79 -21.33 -20.40
C MET B 75 8.30 -22.65 -19.80
N PRO B 76 9.61 -22.77 -19.59
CA PRO B 76 10.06 -24.09 -19.15
C PRO B 76 9.92 -24.31 -17.65
N TYR B 77 8.68 -24.34 -17.17
CA TYR B 77 8.40 -24.87 -15.84
C TYR B 77 7.20 -25.80 -15.89
N MET B 78 7.01 -26.56 -14.82
CA MET B 78 6.13 -27.72 -14.85
C MET B 78 4.66 -27.35 -15.01
N ILE B 79 4.30 -26.14 -14.60
CA ILE B 79 2.93 -25.69 -14.69
C ILE B 79 2.53 -25.37 -16.14
N ASP B 80 3.53 -25.28 -17.01
CA ASP B 80 3.29 -25.13 -18.44
C ASP B 80 3.58 -26.43 -19.20
N MET B 81 3.49 -27.56 -18.50
CA MET B 81 3.71 -28.84 -19.16
C MET B 81 2.49 -29.73 -19.05
N ASP B 82 2.28 -30.59 -20.05
CA ASP B 82 1.31 -31.65 -19.96
C ASP B 82 2.04 -32.91 -19.54
N ASP B 83 1.31 -33.92 -19.08
CA ASP B 83 1.88 -35.24 -18.84
C ASP B 83 2.17 -35.86 -20.20
N PRO B 84 3.24 -36.66 -20.33
CA PRO B 84 4.10 -37.18 -19.27
C PRO B 84 5.21 -36.25 -18.82
N GLN B 85 5.52 -35.20 -19.57
CA GLN B 85 6.59 -34.30 -19.17
C GLN B 85 6.31 -33.68 -17.79
N HIS B 86 5.06 -33.28 -17.57
CA HIS B 86 4.68 -32.63 -16.30
C HIS B 86 4.95 -33.54 -15.10
N LEU B 87 4.58 -34.80 -15.22
CA LEU B 87 4.74 -35.75 -14.12
C LEU B 87 6.20 -35.98 -13.75
N LEU B 88 7.06 -36.01 -14.77
CA LEU B 88 8.50 -36.14 -14.59
C LEU B 88 9.05 -35.05 -13.66
N ARG B 89 8.59 -33.82 -13.87
CA ARG B 89 9.00 -32.70 -13.02
C ARG B 89 8.40 -32.78 -11.64
N ARG B 90 7.13 -33.18 -11.54
CA ARG B 90 6.49 -33.29 -10.22
C ARG B 90 7.25 -34.29 -9.37
N LYS B 91 7.70 -35.37 -9.99
CA LYS B 91 8.49 -36.38 -9.28
C LYS B 91 9.81 -35.83 -8.73
N LEU B 92 10.35 -34.78 -9.35
CA LEU B 92 11.58 -34.17 -8.87
C LEU B 92 11.35 -33.39 -7.57
N VAL B 93 10.16 -32.84 -7.39
CA VAL B 93 9.93 -31.97 -6.23
C VAL B 93 8.92 -32.51 -5.20
N ASN B 94 8.18 -33.55 -5.55
CA ASN B 94 7.10 -34.05 -4.68
C ASN B 94 7.53 -34.37 -3.23
N ALA B 95 8.72 -34.96 -3.10
CA ALA B 95 9.20 -35.40 -1.79
C ALA B 95 9.27 -34.26 -0.79
N GLY B 96 9.36 -33.03 -1.29
CA GLY B 96 9.51 -31.86 -0.44
C GLY B 96 8.19 -31.42 0.15
N PHE B 97 7.09 -32.00 -0.33
CA PHE B 97 5.77 -31.47 -0.04
C PHE B 97 4.77 -32.50 0.44
N THR B 98 5.26 -33.69 0.75
CA THR B 98 4.42 -34.75 1.29
C THR B 98 3.89 -34.36 2.66
N ARG B 99 2.83 -35.03 3.08
CA ARG B 99 2.31 -34.89 4.43
C ARG B 99 3.44 -35.09 5.45
N LYS B 100 4.26 -36.12 5.27
CA LYS B 100 5.33 -36.37 6.23
C LYS B 100 6.38 -35.25 6.27
N ARG B 101 6.79 -34.74 5.11
CA ARG B 101 7.83 -33.71 5.09
C ARG B 101 7.31 -32.42 5.68
N VAL B 102 6.09 -32.07 5.30
CA VAL B 102 5.44 -30.86 5.76
C VAL B 102 5.18 -30.93 7.27
N MET B 103 4.71 -32.07 7.76
CA MET B 103 4.43 -32.19 9.20
C MET B 103 5.71 -32.20 10.06
N ASP B 104 6.83 -32.60 9.47
CA ASP B 104 8.12 -32.45 10.14
C ASP B 104 8.50 -30.98 10.40
N LYS B 105 7.75 -30.05 9.82
CA LYS B 105 8.10 -28.64 9.94
C LYS B 105 7.29 -27.89 11.00
N VAL B 106 6.46 -28.61 11.77
CA VAL B 106 5.54 -27.96 12.69
C VAL B 106 6.31 -27.06 13.67
N ASP B 107 7.35 -27.60 14.30
CA ASP B 107 8.18 -26.81 15.23
C ASP B 107 8.81 -25.60 14.56
N SER B 108 9.35 -25.79 13.36
CA SER B 108 10.08 -24.74 12.66
C SER B 108 9.15 -23.59 12.25
N ILE B 109 8.02 -23.94 11.66
CA ILE B 109 7.06 -22.94 11.21
C ILE B 109 6.46 -22.26 12.44
N GLY B 110 6.18 -23.05 13.46
CA GLY B 110 5.67 -22.51 14.72
C GLY B 110 6.58 -21.45 15.30
N ARG B 111 7.89 -21.67 15.22
CA ARG B 111 8.85 -20.70 15.74
C ARG B 111 8.86 -19.42 14.93
N LEU B 112 8.71 -19.56 13.61
CA LEU B 112 8.63 -18.42 12.72
C LEU B 112 7.42 -17.57 13.07
N CYS B 113 6.31 -18.21 13.35
CA CYS B 113 5.09 -17.48 13.72
C CYS B 113 5.32 -16.70 14.99
N ASP B 114 5.93 -17.32 15.99
CA ASP B 114 6.13 -16.65 17.28
C ASP B 114 7.13 -15.51 17.18
N THR B 115 8.15 -15.69 16.35
CA THR B 115 9.10 -14.62 16.08
C THR B 115 8.41 -13.40 15.48
N LEU B 116 7.56 -13.63 14.47
CA LEU B 116 6.85 -12.51 13.82
C LEU B 116 5.86 -11.82 14.78
N ILE B 117 5.12 -12.59 15.58
CA ILE B 117 4.18 -11.99 16.51
C ILE B 117 4.93 -11.30 17.66
N ASP B 118 6.03 -11.89 18.10
CA ASP B 118 6.91 -11.25 19.08
C ASP B 118 7.36 -9.86 18.65
N ALA B 119 7.54 -9.66 17.34
CA ALA B 119 8.03 -8.37 16.85
C ALA B 119 6.98 -7.27 17.00
N VAL B 120 5.72 -7.64 17.18
CA VAL B 120 4.67 -6.62 17.21
C VAL B 120 3.76 -6.67 18.44
N CYS B 121 3.80 -7.76 19.20
CA CYS B 121 2.83 -7.97 20.29
C CYS B 121 2.81 -6.85 21.35
N GLU B 122 3.96 -6.23 21.60
CA GLU B 122 4.02 -5.19 22.63
C GLU B 122 3.47 -3.84 22.14
N ARG B 123 3.38 -3.71 20.82
CA ARG B 123 2.98 -2.44 20.19
C ARG B 123 1.49 -2.15 20.30
N GLY B 124 0.66 -3.18 20.20
CA GLY B 124 -0.77 -2.96 20.22
C GLY B 124 -1.37 -2.79 18.83
N GLU B 125 -0.50 -2.62 17.84
CA GLU B 125 -0.96 -2.49 16.45
C GLU B 125 0.05 -3.10 15.51
N CYS B 126 -0.41 -3.47 14.32
CA CYS B 126 0.49 -3.81 13.23
C CYS B 126 -0.26 -3.78 11.92
N ASP B 127 0.47 -3.89 10.83
CA ASP B 127 -0.17 -4.10 9.55
C ASP B 127 -0.19 -5.61 9.34
N PHE B 128 -1.39 -6.20 9.39
CA PHE B 128 -1.49 -7.66 9.35
C PHE B 128 -0.87 -8.24 8.05
N VAL B 129 -0.96 -7.49 6.95
CA VAL B 129 -0.36 -7.95 5.70
C VAL B 129 1.17 -7.90 5.77
N ARG B 130 1.74 -6.73 6.09
CA ARG B 130 3.20 -6.57 6.04
C ARG B 130 3.90 -7.30 7.19
N ASP B 131 3.25 -7.36 8.35
CA ASP B 131 3.91 -7.81 9.56
C ASP B 131 3.68 -9.28 9.88
N ILE B 132 2.64 -9.87 9.31
CA ILE B 132 2.26 -11.23 9.66
C ILE B 132 2.08 -12.11 8.41
N ALA B 133 1.13 -11.73 7.58
CA ALA B 133 0.69 -12.57 6.47
C ALA B 133 1.73 -12.72 5.36
N ALA B 134 2.38 -11.63 4.96
CA ALA B 134 3.40 -11.73 3.92
C ALA B 134 4.69 -12.43 4.40
N PRO B 135 5.25 -12.04 5.57
CA PRO B 135 6.57 -12.64 5.85
C PRO B 135 6.57 -14.13 6.27
N LEU B 136 5.50 -14.64 6.87
CA LEU B 136 5.53 -16.04 7.32
C LEU B 136 5.72 -17.03 6.15
N PRO B 137 4.88 -16.96 5.09
CA PRO B 137 5.10 -17.95 4.02
C PRO B 137 6.44 -17.75 3.30
N MET B 138 6.93 -16.51 3.28
CA MET B 138 8.22 -16.21 2.66
C MET B 138 9.34 -16.92 3.41
N ALA B 139 9.33 -16.76 4.74
CA ALA B 139 10.32 -17.42 5.58
C ALA B 139 10.25 -18.93 5.39
N VAL B 140 9.04 -19.48 5.34
CA VAL B 140 8.87 -20.93 5.22
C VAL B 140 9.37 -21.47 3.87
N ILE B 141 8.93 -20.87 2.75
CA ILE B 141 9.41 -21.37 1.46
C ILE B 141 10.90 -21.07 1.29
N GLY B 142 11.35 -19.94 1.83
CA GLY B 142 12.76 -19.59 1.76
C GLY B 142 13.63 -20.63 2.47
N ASP B 143 13.22 -21.03 3.67
CA ASP B 143 13.91 -22.09 4.38
C ASP B 143 13.93 -23.38 3.54
N MET B 144 12.82 -23.71 2.89
CA MET B 144 12.80 -24.89 2.03
C MET B 144 13.71 -24.75 0.80
N LEU B 145 13.90 -23.54 0.32
CA LEU B 145 14.79 -23.30 -0.84
C LEU B 145 16.24 -23.02 -0.45
N GLY B 146 16.53 -23.04 0.84
CA GLY B 146 17.89 -22.77 1.30
C GLY B 146 18.27 -21.30 1.22
N VAL B 147 17.25 -20.42 1.24
CA VAL B 147 17.48 -18.98 1.22
C VAL B 147 17.95 -18.47 2.59
N LEU B 148 19.04 -17.70 2.62
CA LEU B 148 19.50 -17.14 3.89
C LEU B 148 18.44 -16.20 4.47
N PRO B 149 18.24 -16.23 5.80
CA PRO B 149 17.28 -15.32 6.42
C PRO B 149 17.47 -13.88 5.94
N THR B 150 18.72 -13.49 5.75
CA THR B 150 19.04 -12.12 5.42
C THR B 150 18.77 -11.83 3.94
N GLU B 151 18.54 -12.89 3.17
CA GLU B 151 18.20 -12.75 1.75
C GLU B 151 16.69 -12.75 1.52
N ARG B 152 15.91 -13.04 2.55
CA ARG B 152 14.46 -13.18 2.42
C ARG B 152 13.75 -11.94 1.86
N ASP B 153 14.03 -10.78 2.43
CA ASP B 153 13.33 -9.55 2.05
C ASP B 153 13.57 -9.21 0.59
N MET B 154 14.81 -9.41 0.14
CA MET B 154 15.17 -9.20 -1.25
C MET B 154 14.32 -10.06 -2.21
N LEU B 155 14.25 -11.37 -1.95
CA LEU B 155 13.46 -12.23 -2.82
C LEU B 155 11.96 -11.91 -2.71
N LEU B 156 11.52 -11.45 -1.54
CA LEU B 156 10.12 -11.08 -1.40
C LEU B 156 9.82 -9.83 -2.24
N LYS B 157 10.74 -8.87 -2.19
CA LYS B 157 10.58 -7.66 -2.99
C LYS B 157 10.54 -8.00 -4.49
N TRP B 158 11.44 -8.89 -4.90
CA TRP B 158 11.45 -9.37 -6.28
C TRP B 158 10.11 -9.99 -6.63
N SER B 159 9.65 -10.85 -5.73
CA SER B 159 8.42 -11.58 -5.94
C SER B 159 7.26 -10.60 -6.10
N ASP B 160 7.21 -9.59 -5.23
CA ASP B 160 6.19 -8.55 -5.34
C ASP B 160 6.27 -7.79 -6.67
N ASP B 161 7.50 -7.44 -7.08
CA ASP B 161 7.66 -6.61 -8.27
C ASP B 161 7.35 -7.38 -9.56
N LEU B 162 7.46 -8.71 -9.53
CA LEU B 162 7.02 -9.54 -10.66
C LEU B 162 5.49 -9.59 -10.73
N VAL B 163 4.82 -9.99 -9.64
CA VAL B 163 3.37 -10.23 -9.73
C VAL B 163 2.57 -8.94 -9.83
N CYS B 164 3.12 -7.83 -9.35
CA CYS B 164 2.44 -6.55 -9.47
C CYS B 164 2.55 -6.00 -10.88
N GLY B 165 3.46 -6.57 -11.66
CA GLY B 165 3.57 -6.16 -13.05
C GLY B 165 2.61 -6.91 -13.95
N LEU B 166 1.85 -7.83 -13.35
CA LEU B 166 0.91 -8.64 -14.12
C LEU B 166 -0.46 -7.96 -14.23
N SER B 167 -0.57 -7.03 -15.18
CA SER B 167 -1.81 -6.31 -15.40
C SER B 167 -1.69 -5.48 -16.67
N SER B 168 -2.78 -5.38 -17.41
CA SER B 168 -2.75 -4.58 -18.63
C SER B 168 -2.86 -3.09 -18.32
N HIS B 169 -3.02 -2.72 -17.04
CA HIS B 169 -3.19 -1.32 -16.67
C HIS B 169 -1.93 -0.68 -16.07
N VAL B 170 -0.87 -1.44 -15.86
CA VAL B 170 0.37 -0.87 -15.32
C VAL B 170 1.21 -0.26 -16.44
N ASP B 171 2.05 0.72 -16.12
CA ASP B 171 2.74 1.48 -17.16
C ASP B 171 4.01 0.78 -17.61
N GLU B 172 4.77 1.43 -18.49
CA GLU B 172 5.96 0.81 -19.06
C GLU B 172 7.08 0.71 -18.05
N ALA B 173 7.08 1.60 -17.06
CA ALA B 173 8.10 1.54 -16.01
C ALA B 173 7.90 0.26 -15.20
N ALA B 174 6.64 -0.09 -15.00
CA ALA B 174 6.27 -1.28 -14.25
C ALA B 174 6.69 -2.55 -15.01
N ILE B 175 6.53 -2.53 -16.33
CA ILE B 175 6.93 -3.68 -17.11
C ILE B 175 8.45 -3.80 -17.09
N GLN B 176 9.14 -2.66 -17.19
CA GLN B 176 10.59 -2.67 -17.17
C GLN B 176 11.10 -3.17 -15.83
N LYS B 177 10.41 -2.78 -14.76
CA LYS B 177 10.77 -3.24 -13.41
C LYS B 177 10.62 -4.75 -13.34
N LEU B 178 9.54 -5.24 -13.94
CA LEU B 178 9.30 -6.67 -13.96
C LEU B 178 10.41 -7.37 -14.75
N MET B 179 10.80 -6.79 -15.88
CA MET B 179 11.89 -7.37 -16.67
C MET B 179 13.22 -7.31 -15.94
N ASP B 180 13.50 -6.17 -15.30
CA ASP B 180 14.72 -6.00 -14.52
C ASP B 180 14.78 -6.97 -13.34
N THR B 181 13.64 -7.18 -12.69
CA THR B 181 13.58 -8.12 -11.57
C THR B 181 13.86 -9.55 -12.04
N PHE B 182 13.28 -9.94 -13.17
CA PHE B 182 13.55 -11.28 -13.69
C PHE B 182 15.04 -11.46 -13.98
N ALA B 183 15.65 -10.46 -14.59
CA ALA B 183 17.08 -10.47 -14.85
C ALA B 183 17.85 -10.68 -13.55
N ALA B 184 17.47 -9.97 -12.50
CA ALA B 184 18.20 -10.09 -11.24
C ALA B 184 17.98 -11.47 -10.62
N TYR B 185 16.80 -12.04 -10.80
CA TYR B 185 16.54 -13.39 -10.26
C TYR B 185 17.30 -14.43 -11.08
N THR B 186 17.40 -14.24 -12.38
CA THR B 186 18.16 -15.20 -13.18
C THR B 186 19.63 -15.20 -12.76
N GLU B 187 20.19 -14.03 -12.50
CA GLU B 187 21.59 -13.94 -12.12
C GLU B 187 21.82 -14.58 -10.73
N PHE B 188 20.91 -14.30 -9.78
CA PHE B 188 20.91 -14.96 -8.48
C PHE B 188 20.94 -16.49 -8.61
N THR B 189 20.08 -17.01 -9.48
CA THR B 189 19.98 -18.44 -9.72
C THR B 189 21.24 -19.02 -10.38
N LYS B 190 21.83 -18.30 -11.32
CA LYS B 190 23.05 -18.78 -11.96
C LYS B 190 24.15 -18.96 -10.92
N ASP B 191 24.24 -18.03 -9.97
CA ASP B 191 25.20 -18.16 -8.88
C ASP B 191 24.90 -19.35 -7.96
N VAL B 192 23.62 -19.60 -7.71
CA VAL B 192 23.24 -20.76 -6.91
C VAL B 192 23.57 -22.05 -7.64
N ILE B 193 23.34 -22.06 -8.95
CA ILE B 193 23.67 -23.23 -9.76
C ILE B 193 25.13 -23.60 -9.62
N THR B 194 26.00 -22.63 -9.85
CA THR B 194 27.43 -22.83 -9.68
C THR B 194 27.79 -23.30 -8.26
N LYS B 195 27.18 -22.66 -7.26
CA LYS B 195 27.43 -23.01 -5.87
C LYS B 195 27.00 -24.44 -5.53
N ARG B 196 25.75 -24.79 -5.85
CA ARG B 196 25.19 -26.06 -5.41
C ARG B 196 25.60 -27.26 -6.26
N ARG B 197 26.18 -27.02 -7.44
CA ARG B 197 26.77 -28.12 -8.20
C ARG B 197 28.05 -28.57 -7.53
N ALA B 198 28.79 -27.62 -6.96
CA ALA B 198 30.02 -27.93 -6.26
C ALA B 198 29.74 -28.34 -4.81
N GLU B 199 28.71 -27.76 -4.22
CA GLU B 199 28.41 -27.99 -2.80
C GLU B 199 26.93 -28.23 -2.58
N PRO B 200 26.45 -29.41 -2.97
CA PRO B 200 25.03 -29.70 -2.85
C PRO B 200 24.55 -29.74 -1.40
N THR B 201 23.28 -29.38 -1.21
CA THR B 201 22.65 -29.40 0.09
C THR B 201 21.39 -30.22 -0.05
N ASP B 202 20.57 -30.19 0.97
CA ASP B 202 19.35 -30.96 0.95
C ASP B 202 18.13 -30.10 0.66
N ASP B 203 18.32 -28.81 0.39
CA ASP B 203 17.20 -27.90 0.12
C ASP B 203 16.71 -28.06 -1.33
N LEU B 204 15.53 -27.53 -1.63
CA LEU B 204 14.91 -27.74 -2.95
C LEU B 204 15.68 -27.11 -4.09
N PHE B 205 16.36 -26.01 -3.82
CA PHE B 205 17.05 -25.29 -4.87
C PHE B 205 18.19 -26.19 -5.36
N SER B 206 18.92 -26.75 -4.41
CA SER B 206 20.01 -27.67 -4.72
C SER B 206 19.53 -28.97 -5.38
N VAL B 207 18.40 -29.50 -4.92
CA VAL B 207 17.82 -30.68 -5.54
C VAL B 207 17.51 -30.40 -7.01
N LEU B 208 16.86 -29.28 -7.28
CA LEU B 208 16.53 -28.94 -8.66
C LEU B 208 17.79 -28.66 -9.49
N VAL B 209 18.76 -27.97 -8.89
CA VAL B 209 20.02 -27.68 -9.58
C VAL B 209 20.74 -28.97 -10.04
N ASN B 210 20.70 -30.00 -9.20
CA ASN B 210 21.38 -31.25 -9.51
C ASN B 210 20.47 -32.28 -10.13
N SER B 211 19.24 -31.89 -10.44
CA SER B 211 18.23 -32.83 -10.91
C SER B 211 18.42 -33.23 -12.36
N GLU B 212 17.74 -34.29 -12.75
CA GLU B 212 17.90 -34.87 -14.08
C GLU B 212 16.56 -34.97 -14.80
N VAL B 213 16.49 -34.45 -16.02
CA VAL B 213 15.28 -34.57 -16.81
C VAL B 213 15.63 -35.23 -18.14
N GLU B 214 14.89 -36.28 -18.49
CA GLU B 214 15.10 -37.00 -19.74
C GLU B 214 16.58 -37.36 -19.90
N GLY B 215 17.13 -38.01 -18.88
CA GLY B 215 18.52 -38.44 -18.86
C GLY B 215 19.54 -37.36 -18.60
N GLN B 216 19.23 -36.11 -18.93
CA GLN B 216 20.22 -35.04 -18.88
C GLN B 216 19.96 -34.11 -17.70
N ARG B 217 20.95 -33.29 -17.35
CA ARG B 217 20.75 -32.33 -16.27
C ARG B 217 19.68 -31.32 -16.69
N MET B 218 18.90 -30.85 -15.73
CA MET B 218 17.96 -29.78 -15.99
C MET B 218 18.72 -28.56 -16.52
N SER B 219 18.25 -27.98 -17.62
CA SER B 219 18.91 -26.80 -18.18
C SER B 219 18.88 -25.62 -17.20
N ASP B 220 19.85 -24.71 -17.35
CA ASP B 220 19.87 -23.49 -16.52
C ASP B 220 18.53 -22.79 -16.61
N ASP B 221 18.00 -22.65 -17.83
CA ASP B 221 16.73 -21.98 -18.06
C ASP B 221 15.57 -22.60 -17.31
N GLU B 222 15.48 -23.93 -17.32
CA GLU B 222 14.42 -24.59 -16.58
C GLU B 222 14.62 -24.43 -15.06
N ILE B 223 15.88 -24.45 -14.62
CA ILE B 223 16.15 -24.27 -13.19
C ILE B 223 15.69 -22.88 -12.74
N VAL B 224 15.95 -21.87 -13.57
CA VAL B 224 15.48 -20.52 -13.24
C VAL B 224 13.96 -20.51 -13.11
N PHE B 225 13.25 -21.04 -14.10
CA PHE B 225 11.80 -21.00 -14.02
C PHE B 225 11.21 -21.95 -12.96
N GLU B 226 11.72 -23.17 -12.85
CA GLU B 226 11.18 -24.09 -11.84
C GLU B 226 11.35 -23.51 -10.43
N THR B 227 12.52 -22.95 -10.13
CA THR B 227 12.72 -22.45 -8.76
C THR B 227 11.88 -21.21 -8.54
N LEU B 228 11.69 -20.41 -9.59
CA LEU B 228 10.86 -19.20 -9.48
C LEU B 228 9.40 -19.58 -9.24
N LEU B 229 8.96 -20.62 -9.93
CA LEU B 229 7.63 -21.16 -9.75
C LEU B 229 7.41 -21.50 -8.27
N ILE B 230 8.37 -22.21 -7.70
CA ILE B 230 8.24 -22.62 -6.30
C ILE B 230 8.27 -21.43 -5.37
N LEU B 231 9.20 -20.49 -5.61
CA LEU B 231 9.29 -19.28 -4.79
C LEU B 231 7.98 -18.49 -4.78
N ILE B 232 7.45 -18.21 -5.98
CA ILE B 232 6.23 -17.40 -6.13
C ILE B 232 5.00 -18.16 -5.63
N GLY B 233 4.89 -19.43 -6.00
CA GLY B 233 3.87 -20.29 -5.40
C GLY B 233 3.92 -20.23 -3.86
N GLY B 234 5.11 -20.19 -3.29
CA GLY B 234 5.26 -20.10 -1.85
C GLY B 234 4.92 -18.74 -1.25
N ASP B 235 5.30 -17.65 -1.93
CA ASP B 235 5.32 -16.35 -1.25
C ASP B 235 4.36 -15.27 -1.81
N GLU B 236 3.49 -15.65 -2.74
CA GLU B 236 2.49 -14.71 -3.23
C GLU B 236 1.10 -15.32 -3.24
N THR B 237 0.87 -16.29 -2.35
CA THR B 237 -0.40 -17.00 -2.36
C THR B 237 -0.98 -17.08 -0.95
N THR B 238 -0.35 -17.91 -0.12
CA THR B 238 -0.82 -18.15 1.26
C THR B 238 -1.05 -16.85 2.02
N ARG B 239 -0.16 -15.87 1.81
CA ARG B 239 -0.28 -14.56 2.43
C ARG B 239 -1.69 -13.99 2.32
N HIS B 240 -2.34 -14.23 1.17
CA HIS B 240 -3.62 -13.61 0.88
C HIS B 240 -4.78 -14.32 1.58
N THR B 241 -4.64 -15.62 1.75
CA THR B 241 -5.63 -16.34 2.52
C THR B 241 -5.44 -16.00 4.00
N LEU B 242 -4.19 -15.81 4.40
CA LEU B 242 -3.93 -15.36 5.78
C LEU B 242 -4.56 -13.99 6.05
N SER B 243 -4.27 -13.01 5.20
CA SER B 243 -4.79 -11.67 5.45
C SER B 243 -6.30 -11.62 5.19
N GLY B 244 -6.75 -12.07 4.03
CA GLY B 244 -8.16 -11.97 3.67
C GLY B 244 -9.03 -12.92 4.48
N GLY B 245 -8.46 -14.05 4.86
CA GLY B 245 -9.20 -15.01 5.66
C GLY B 245 -9.42 -14.44 7.05
N THR B 246 -8.37 -13.88 7.63
CA THR B 246 -8.47 -13.32 8.97
C THR B 246 -9.39 -12.11 8.97
N GLU B 247 -9.32 -11.30 7.92
CA GLU B 247 -10.28 -10.21 7.75
C GLU B 247 -11.72 -10.69 7.92
N GLN B 248 -12.07 -11.79 7.27
CA GLN B 248 -13.45 -12.24 7.36
C GLN B 248 -13.73 -12.77 8.76
N LEU B 249 -12.73 -13.38 9.40
CA LEU B 249 -12.92 -13.82 10.79
C LEU B 249 -13.27 -12.62 11.65
N LEU B 250 -12.50 -11.54 11.50
CA LEU B 250 -12.69 -10.32 12.27
C LEU B 250 -14.04 -9.67 11.98
N ARG B 251 -14.53 -9.81 10.74
CA ARG B 251 -15.81 -9.19 10.38
C ARG B 251 -17.00 -9.99 10.89
N HIS B 252 -16.76 -11.24 11.27
CA HIS B 252 -17.82 -12.08 11.84
C HIS B 252 -17.43 -12.49 13.26
N ARG B 253 -17.67 -11.61 14.22
CA ARG B 253 -17.14 -11.75 15.58
C ARG B 253 -17.57 -13.04 16.28
N ASP B 254 -18.79 -13.48 16.01
CA ASP B 254 -19.27 -14.72 16.59
C ASP B 254 -18.43 -15.89 16.11
N GLN B 255 -17.93 -15.81 14.87
CA GLN B 255 -17.11 -16.90 14.34
C GLN B 255 -15.69 -16.83 14.91
N TRP B 256 -15.17 -15.61 15.02
CA TRP B 256 -13.88 -15.36 15.68
C TRP B 256 -13.93 -15.88 17.12
N ASP B 257 -14.98 -15.49 17.84
CA ASP B 257 -15.13 -15.89 19.25
C ASP B 257 -15.15 -17.41 19.39
N ALA B 258 -15.85 -18.08 18.48
CA ALA B 258 -15.95 -19.54 18.53
C ALA B 258 -14.60 -20.19 18.27
N LEU B 259 -13.79 -19.58 17.41
CA LEU B 259 -12.45 -20.10 17.16
C LEU B 259 -11.52 -19.86 18.35
N VAL B 260 -11.61 -18.68 18.96
CA VAL B 260 -10.82 -18.40 20.16
C VAL B 260 -11.13 -19.46 21.23
N ALA B 261 -12.41 -19.82 21.32
CA ALA B 261 -12.91 -20.76 22.30
C ALA B 261 -12.59 -22.23 21.99
N ASP B 262 -12.54 -22.57 20.71
CA ASP B 262 -12.39 -23.98 20.34
C ASP B 262 -11.55 -24.14 19.08
N VAL B 263 -10.34 -24.63 19.26
CA VAL B 263 -9.38 -24.73 18.16
C VAL B 263 -9.75 -25.85 17.17
N ASP B 264 -10.65 -26.73 17.58
CA ASP B 264 -11.05 -27.84 16.71
C ASP B 264 -11.87 -27.36 15.51
N LEU B 265 -12.34 -26.12 15.58
CA LEU B 265 -13.12 -25.54 14.50
C LEU B 265 -12.21 -24.97 13.42
N LEU B 266 -10.91 -24.95 13.69
CA LEU B 266 -9.98 -24.24 12.82
C LEU B 266 -9.83 -24.83 11.40
N PRO B 267 -9.73 -26.18 11.27
CA PRO B 267 -9.60 -26.70 9.90
C PRO B 267 -10.79 -26.33 9.01
N GLY B 268 -12.00 -26.48 9.52
CA GLY B 268 -13.18 -26.04 8.80
C GLY B 268 -13.07 -24.57 8.42
N ALA B 269 -12.56 -23.76 9.35
CA ALA B 269 -12.38 -22.34 9.12
C ALA B 269 -11.35 -22.09 8.02
N ILE B 270 -10.29 -22.90 8.02
CA ILE B 270 -9.22 -22.73 7.04
C ILE B 270 -9.78 -22.94 5.62
N GLU B 271 -10.64 -23.95 5.44
CA GLU B 271 -11.20 -24.23 4.12
C GLU B 271 -12.09 -23.11 3.61
N GLU B 272 -12.82 -22.46 4.52
CA GLU B 272 -13.66 -21.35 4.11
C GLU B 272 -12.81 -20.11 3.79
N MET B 273 -11.73 -19.92 4.54
CA MET B 273 -10.75 -18.87 4.24
C MET B 273 -10.18 -19.04 2.83
N LEU B 274 -9.82 -20.27 2.49
CA LEU B 274 -9.33 -20.59 1.16
C LEU B 274 -10.37 -20.27 0.07
N ARG B 275 -11.57 -20.82 0.23
CA ARG B 275 -12.66 -20.62 -0.73
C ARG B 275 -12.91 -19.13 -0.96
N TRP B 276 -13.02 -18.39 0.15
CA TRP B 276 -13.35 -16.98 0.09
C TRP B 276 -12.26 -16.15 -0.58
N THR B 277 -11.00 -16.39 -0.23
CA THR B 277 -9.94 -15.51 -0.69
C THR B 277 -9.46 -15.84 -2.10
N SER B 278 -9.50 -17.13 -2.46
CA SER B 278 -9.09 -17.61 -3.78
C SER B 278 -7.91 -16.82 -4.39
N PRO B 279 -6.74 -16.88 -3.74
CA PRO B 279 -5.61 -16.01 -4.10
C PRO B 279 -5.20 -16.10 -5.57
N VAL B 280 -5.20 -17.29 -6.15
CA VAL B 280 -4.98 -17.44 -7.60
C VAL B 280 -6.31 -17.22 -8.30
N LYS B 281 -6.44 -16.08 -8.98
CA LYS B 281 -7.69 -15.70 -9.63
C LYS B 281 -7.94 -16.46 -10.93
N ASN B 282 -6.88 -16.84 -11.62
CA ASN B 282 -7.05 -17.61 -12.84
C ASN B 282 -5.79 -18.33 -13.26
N MET B 283 -5.97 -19.36 -14.09
CA MET B 283 -4.90 -20.02 -14.82
C MET B 283 -5.45 -20.31 -16.22
N CYS B 284 -4.59 -20.17 -17.23
CA CYS B 284 -5.00 -20.43 -18.61
C CYS B 284 -4.78 -21.88 -19.03
N ARG B 285 -5.64 -22.35 -19.93
CA ARG B 285 -5.41 -23.55 -20.72
C ARG B 285 -5.49 -23.14 -22.18
N THR B 286 -4.93 -23.96 -23.07
CA THR B 286 -4.98 -23.71 -24.50
C THR B 286 -5.76 -24.82 -25.19
N LEU B 287 -6.75 -24.46 -26.00
CA LEU B 287 -7.53 -25.44 -26.74
C LEU B 287 -6.67 -26.15 -27.78
N THR B 288 -6.68 -27.49 -27.75
CA THR B 288 -5.92 -28.27 -28.72
C THR B 288 -6.74 -28.61 -29.96
N ALA B 289 -8.03 -28.27 -29.93
CA ALA B 289 -8.95 -28.50 -31.03
C ALA B 289 -10.17 -27.62 -30.85
N ASP B 290 -10.89 -27.34 -31.94
CA ASP B 290 -12.19 -26.69 -31.84
C ASP B 290 -13.14 -27.51 -30.96
N THR B 291 -14.00 -26.83 -30.21
CA THR B 291 -14.97 -27.53 -29.38
C THR B 291 -16.12 -26.61 -28.97
N VAL B 292 -17.26 -27.19 -28.62
CA VAL B 292 -18.32 -26.43 -28.00
C VAL B 292 -18.35 -26.75 -26.51
N PHE B 293 -18.09 -25.75 -25.68
CA PHE B 293 -17.86 -25.98 -24.26
C PHE B 293 -18.89 -25.19 -23.46
N HIS B 294 -19.85 -25.90 -22.88
CA HIS B 294 -20.94 -25.28 -22.14
C HIS B 294 -21.58 -24.15 -22.95
N GLY B 295 -21.74 -24.40 -24.24
CA GLY B 295 -22.47 -23.50 -25.12
C GLY B 295 -21.63 -22.45 -25.82
N THR B 296 -20.31 -22.48 -25.61
CA THR B 296 -19.45 -21.52 -26.30
C THR B 296 -18.55 -22.25 -27.27
N GLU B 297 -18.56 -21.81 -28.52
CA GLU B 297 -17.67 -22.33 -29.54
C GLU B 297 -16.26 -21.84 -29.27
N LEU B 298 -15.32 -22.78 -29.08
CA LEU B 298 -13.94 -22.42 -28.85
C LEU B 298 -13.10 -22.93 -30.00
N ARG B 299 -12.07 -22.18 -30.37
CA ARG B 299 -11.24 -22.55 -31.49
C ARG B 299 -9.87 -23.03 -31.04
N ALA B 300 -9.33 -24.01 -31.77
CA ALA B 300 -7.99 -24.55 -31.49
C ALA B 300 -6.96 -23.44 -31.35
N GLY B 301 -6.18 -23.48 -30.27
CA GLY B 301 -5.09 -22.56 -30.11
C GLY B 301 -5.39 -21.32 -29.29
N GLU B 302 -6.66 -21.03 -29.04
CA GLU B 302 -6.99 -19.88 -28.21
C GLU B 302 -6.94 -20.33 -26.76
N LYS B 303 -6.72 -19.40 -25.85
CA LYS B 303 -6.67 -19.69 -24.43
C LYS B 303 -7.99 -19.49 -23.75
N ILE B 304 -8.22 -20.25 -22.68
CA ILE B 304 -9.38 -20.02 -21.82
C ILE B 304 -8.91 -19.85 -20.38
N MET B 305 -9.44 -18.85 -19.70
CA MET B 305 -9.10 -18.60 -18.30
C MET B 305 -9.98 -19.39 -17.37
N LEU B 306 -9.37 -20.22 -16.54
CA LEU B 306 -10.09 -20.91 -15.48
C LEU B 306 -10.25 -19.97 -14.30
N MET B 307 -11.47 -19.46 -14.07
CA MET B 307 -11.67 -18.42 -13.06
C MET B 307 -11.99 -19.06 -11.71
N PHE B 308 -10.94 -19.35 -10.94
CA PHE B 308 -11.10 -20.10 -9.70
C PHE B 308 -11.98 -19.39 -8.65
N GLU B 309 -11.90 -18.07 -8.55
CA GLU B 309 -12.74 -17.39 -7.57
C GLU B 309 -14.21 -17.42 -8.02
N SER B 310 -14.45 -17.23 -9.32
CA SER B 310 -15.81 -17.34 -9.81
C SER B 310 -16.41 -18.72 -9.50
N ALA B 311 -15.66 -19.78 -9.80
CA ALA B 311 -16.08 -21.14 -9.42
C ALA B 311 -16.35 -21.26 -7.92
N ASN B 312 -15.51 -20.63 -7.11
CA ASN B 312 -15.63 -20.79 -5.66
C ASN B 312 -16.80 -20.00 -5.07
N PHE B 313 -17.52 -19.26 -5.92
CA PHE B 313 -18.70 -18.54 -5.50
C PHE B 313 -19.90 -18.96 -6.33
N ASP B 314 -19.80 -20.17 -6.87
CA ASP B 314 -20.86 -20.78 -7.67
C ASP B 314 -22.00 -21.21 -6.76
N GLU B 315 -23.11 -20.48 -6.83
CA GLU B 315 -24.23 -20.70 -5.92
C GLU B 315 -24.91 -22.06 -6.17
N SER B 316 -24.83 -22.56 -7.39
CA SER B 316 -25.39 -23.89 -7.69
C SER B 316 -24.64 -24.98 -6.92
N VAL B 317 -23.41 -24.68 -6.52
CA VAL B 317 -22.59 -25.65 -5.79
C VAL B 317 -22.63 -25.40 -4.27
N PHE B 318 -22.50 -24.14 -3.87
CA PHE B 318 -22.33 -23.80 -2.46
C PHE B 318 -23.60 -23.28 -1.81
N GLY B 319 -24.60 -22.95 -2.62
CA GLY B 319 -25.88 -22.54 -2.08
C GLY B 319 -25.87 -21.11 -1.62
N ASP B 320 -25.04 -20.80 -0.61
CA ASP B 320 -24.94 -19.42 -0.14
C ASP B 320 -23.50 -18.93 -0.07
N PRO B 321 -22.80 -18.93 -1.22
CA PRO B 321 -21.37 -18.67 -1.20
C PRO B 321 -21.02 -17.24 -0.80
N ASP B 322 -22.00 -16.34 -0.82
CA ASP B 322 -21.73 -14.96 -0.47
C ASP B 322 -21.71 -14.75 1.04
N ASN B 323 -21.98 -15.82 1.80
CA ASN B 323 -21.82 -15.75 3.25
C ASN B 323 -20.54 -16.44 3.68
N PHE B 324 -19.69 -15.74 4.43
CA PHE B 324 -18.53 -16.40 5.00
C PHE B 324 -18.97 -17.24 6.17
N ARG B 325 -18.76 -18.56 6.11
CA ARG B 325 -19.14 -19.45 7.20
C ARG B 325 -18.04 -20.44 7.55
N ILE B 326 -17.40 -20.29 8.71
CA ILE B 326 -16.34 -21.23 9.08
C ILE B 326 -16.88 -22.64 9.32
N ASP B 327 -18.20 -22.76 9.41
CA ASP B 327 -18.80 -24.07 9.64
C ASP B 327 -19.35 -24.69 8.35
N ARG B 328 -18.98 -24.12 7.20
CA ARG B 328 -19.42 -24.66 5.91
C ARG B 328 -18.87 -26.06 5.71
N ASN B 329 -19.76 -26.97 5.32
CA ASN B 329 -19.41 -28.38 5.29
C ASN B 329 -20.49 -29.13 4.51
N PRO B 330 -20.10 -29.81 3.41
CA PRO B 330 -18.77 -29.85 2.80
C PRO B 330 -18.36 -28.51 2.18
N ASN B 331 -17.10 -28.41 1.78
CA ASN B 331 -16.55 -27.20 1.21
C ASN B 331 -15.55 -27.57 0.14
N SER B 332 -16.06 -28.09 -0.96
CA SER B 332 -15.24 -28.64 -2.03
C SER B 332 -14.72 -27.55 -2.97
N HIS B 333 -14.10 -26.51 -2.38
CA HIS B 333 -13.64 -25.36 -3.15
C HIS B 333 -12.52 -25.77 -4.09
N VAL B 334 -12.26 -24.96 -5.12
CA VAL B 334 -11.15 -25.21 -6.03
C VAL B 334 -10.10 -24.11 -5.92
N ALA B 335 -9.84 -23.63 -4.71
CA ALA B 335 -8.82 -22.60 -4.54
C ALA B 335 -7.45 -23.13 -4.96
N PHE B 336 -7.24 -24.44 -4.83
CA PHE B 336 -5.98 -25.06 -5.22
C PHE B 336 -6.02 -25.66 -6.61
N GLY B 337 -7.05 -25.34 -7.38
CA GLY B 337 -7.21 -25.94 -8.68
C GLY B 337 -7.70 -27.38 -8.54
N PHE B 338 -7.32 -28.22 -9.50
CA PHE B 338 -7.87 -29.57 -9.59
C PHE B 338 -7.21 -30.34 -10.73
N GLY B 339 -7.00 -31.64 -10.54
CA GLY B 339 -6.45 -32.48 -11.58
C GLY B 339 -4.94 -32.63 -11.50
N THR B 340 -4.30 -32.84 -12.63
CA THR B 340 -2.88 -33.17 -12.59
C THR B 340 -2.01 -32.02 -12.08
N HIS B 341 -2.46 -30.79 -12.27
CA HIS B 341 -1.72 -29.61 -11.80
C HIS B 341 -2.15 -29.14 -10.40
N PHE B 342 -2.98 -29.94 -9.73
CA PHE B 342 -3.43 -29.62 -8.38
C PHE B 342 -2.28 -29.19 -7.51
N CYS B 343 -2.46 -28.07 -6.82
CA CYS B 343 -1.39 -27.36 -6.12
C CYS B 343 -0.42 -28.25 -5.36
N LEU B 344 0.83 -28.23 -5.80
CA LEU B 344 1.92 -28.93 -5.15
C LEU B 344 2.05 -28.56 -3.66
N GLY B 345 1.78 -27.30 -3.34
CA GLY B 345 2.04 -26.79 -2.01
C GLY B 345 0.84 -26.76 -1.08
N ASN B 346 -0.22 -27.50 -1.42
CA ASN B 346 -1.49 -27.37 -0.69
C ASN B 346 -1.40 -27.79 0.77
N GLN B 347 -0.62 -28.84 1.06
CA GLN B 347 -0.48 -29.30 2.44
CA GLN B 347 -0.49 -29.29 2.44
C GLN B 347 0.38 -28.32 3.24
N LEU B 348 1.40 -27.78 2.59
CA LEU B 348 2.27 -26.80 3.21
C LEU B 348 1.47 -25.55 3.55
N ALA B 349 0.70 -25.08 2.57
CA ALA B 349 -0.15 -23.91 2.72
C ALA B 349 -1.16 -24.07 3.85
N ARG B 350 -1.81 -25.23 3.90
CA ARG B 350 -2.77 -25.50 4.97
C ARG B 350 -2.09 -25.50 6.34
N LEU B 351 -0.86 -26.01 6.41
CA LEU B 351 -0.15 -26.04 7.70
C LEU B 351 0.24 -24.62 8.10
N GLU B 352 0.69 -23.83 7.12
CA GLU B 352 1.00 -22.43 7.36
C GLU B 352 -0.21 -21.69 7.91
N LEU B 353 -1.36 -21.88 7.26
CA LEU B 353 -2.59 -21.26 7.69
C LEU B 353 -2.97 -21.70 9.12
N ARG B 354 -2.88 -22.99 9.37
CA ARG B 354 -3.26 -23.53 10.67
C ARG B 354 -2.39 -22.96 11.78
N LEU B 355 -1.07 -23.07 11.61
CA LEU B 355 -0.15 -22.68 12.66
C LEU B 355 -0.18 -21.18 12.94
N MET B 356 -0.19 -20.34 11.90
CA MET B 356 -0.18 -18.90 12.16
C MET B 356 -1.52 -18.43 12.73
N THR B 357 -2.63 -18.95 12.19
CA THR B 357 -3.94 -18.50 12.64
C THR B 357 -4.17 -18.93 14.09
N GLU B 358 -3.67 -20.10 14.48
CA GLU B 358 -3.92 -20.56 15.86
C GLU B 358 -3.12 -19.68 16.84
N ARG B 359 -1.93 -19.24 16.44
CA ARG B 359 -1.15 -18.34 17.28
C ARG B 359 -1.72 -16.92 17.32
N VAL B 360 -2.28 -16.47 16.21
CA VAL B 360 -2.95 -15.17 16.16
C VAL B 360 -4.16 -15.18 17.11
N LEU B 361 -4.97 -16.23 17.02
CA LEU B 361 -6.12 -16.39 17.91
C LEU B 361 -5.71 -16.46 19.39
N ARG B 362 -4.65 -17.21 19.66
CA ARG B 362 -4.15 -17.41 21.01
C ARG B 362 -3.56 -16.12 21.56
N ARG B 363 -2.65 -15.51 20.81
CA ARG B 363 -1.87 -14.39 21.35
C ARG B 363 -2.50 -13.01 21.12
N LEU B 364 -3.32 -12.88 20.08
CA LEU B 364 -4.02 -11.63 19.84
C LEU B 364 -5.54 -11.80 19.89
N PRO B 365 -6.09 -12.22 21.05
CA PRO B 365 -7.49 -12.66 21.04
C PRO B 365 -8.53 -11.56 20.89
N ASP B 366 -8.16 -10.31 21.04
CA ASP B 366 -9.12 -9.22 20.85
C ASP B 366 -8.75 -8.39 19.64
N LEU B 367 -7.99 -9.01 18.73
CA LEU B 367 -7.65 -8.42 17.44
C LEU B 367 -8.87 -7.86 16.70
N ARG B 368 -8.69 -6.72 16.04
CA ARG B 368 -9.75 -6.16 15.24
C ARG B 368 -9.16 -5.23 14.18
N LEU B 369 -9.90 -5.07 13.09
CA LEU B 369 -9.50 -4.12 12.06
C LEU B 369 -9.47 -2.72 12.63
N ALA B 370 -8.45 -1.95 12.24
CA ALA B 370 -8.35 -0.58 12.69
C ALA B 370 -9.48 0.26 12.11
N ASP B 371 -9.97 -0.16 10.94
CA ASP B 371 -11.05 0.54 10.24
C ASP B 371 -11.93 -0.52 9.58
N ASP B 372 -13.24 -0.39 9.71
CA ASP B 372 -14.15 -1.37 9.10
C ASP B 372 -14.33 -1.21 7.59
N ALA B 373 -13.76 -0.17 7.02
CA ALA B 373 -13.88 0.08 5.58
C ALA B 373 -13.36 -1.10 4.76
N PRO B 374 -13.84 -1.24 3.52
CA PRO B 374 -13.30 -2.29 2.66
C PRO B 374 -11.79 -2.27 2.63
N VAL B 375 -11.19 -3.44 2.74
CA VAL B 375 -9.74 -3.57 2.68
C VAL B 375 -9.28 -3.44 1.22
N PRO B 376 -8.25 -2.63 0.95
CA PRO B 376 -7.72 -2.46 -0.41
C PRO B 376 -7.02 -3.72 -0.92
N LEU B 377 -7.19 -4.01 -2.20
CA LEU B 377 -6.67 -5.20 -2.83
C LEU B 377 -5.63 -4.87 -3.91
N ARG B 378 -4.71 -5.79 -4.15
CA ARG B 378 -3.68 -5.60 -5.18
C ARG B 378 -4.31 -5.67 -6.57
N PRO B 379 -4.17 -4.59 -7.36
CA PRO B 379 -4.72 -4.55 -8.72
C PRO B 379 -3.82 -5.33 -9.70
N ALA B 380 -3.92 -6.66 -9.62
CA ALA B 380 -3.15 -7.53 -10.51
C ALA B 380 -4.07 -8.65 -10.97
N ASN B 381 -3.75 -9.27 -12.10
CA ASN B 381 -4.67 -10.19 -12.77
C ASN B 381 -4.40 -11.67 -12.55
N PHE B 382 -3.39 -11.98 -11.75
CA PHE B 382 -2.98 -13.37 -11.55
C PHE B 382 -3.17 -13.81 -10.10
N VAL B 383 -2.30 -13.34 -9.22
CA VAL B 383 -2.55 -13.54 -7.79
C VAL B 383 -2.85 -12.19 -7.17
N SER B 384 -3.77 -12.17 -6.20
CA SER B 384 -4.15 -10.91 -5.56
C SER B 384 -4.81 -11.15 -4.21
N GLY B 385 -4.73 -10.13 -3.37
CA GLY B 385 -5.28 -10.17 -2.03
C GLY B 385 -5.06 -8.80 -1.42
N PRO B 386 -5.38 -8.63 -0.11
CA PRO B 386 -5.21 -7.35 0.58
C PRO B 386 -3.81 -6.75 0.41
N GLU B 387 -3.76 -5.45 0.05
CA GLU B 387 -2.52 -4.69 -0.01
C GLU B 387 -2.02 -4.29 1.37
N SER B 388 -2.97 -3.99 2.25
CA SER B 388 -2.65 -3.59 3.61
C SER B 388 -3.86 -3.83 4.51
N MET B 389 -3.59 -4.01 5.79
CA MET B 389 -4.63 -4.34 6.76
C MET B 389 -4.20 -3.92 8.17
N PRO B 390 -4.34 -2.63 8.48
CA PRO B 390 -4.01 -2.22 9.86
C PRO B 390 -4.94 -2.90 10.85
N VAL B 391 -4.35 -3.41 11.94
CA VAL B 391 -5.13 -4.05 12.98
C VAL B 391 -4.65 -3.55 14.35
N VAL B 392 -5.49 -3.72 15.36
CA VAL B 392 -5.17 -3.29 16.73
C VAL B 392 -5.53 -4.39 17.74
N PHE B 393 -4.82 -4.41 18.85
CA PHE B 393 -5.01 -5.47 19.84
C PHE B 393 -4.43 -5.03 21.18
N THR B 394 -4.85 -5.66 22.26
CA THR B 394 -4.26 -5.40 23.56
C THR B 394 -2.84 -5.95 23.56
N PRO B 395 -1.84 -5.11 23.87
CA PRO B 395 -0.45 -5.57 23.85
C PRO B 395 -0.20 -6.74 24.80
N SER B 396 0.81 -7.55 24.49
CA SER B 396 1.20 -8.66 25.34
C SER B 396 2.70 -8.86 25.24
N ALA B 397 3.21 -9.78 26.06
CA ALA B 397 4.64 -10.04 26.16
C ALA B 397 5.09 -11.05 25.11
N PRO B 398 6.30 -10.87 24.59
CA PRO B 398 6.84 -11.84 23.63
C PRO B 398 7.08 -13.20 24.30
N VAL B 399 7.15 -14.25 23.50
CA VAL B 399 7.28 -15.60 24.04
C VAL B 399 8.68 -16.16 23.81
N LEU B 400 9.41 -15.59 22.85
CA LEU B 400 10.74 -16.10 22.52
C LEU B 400 11.81 -15.12 22.96
N ALA B 401 13.03 -15.63 23.15
CA ALA B 401 14.17 -14.81 23.56
C ALA B 401 15.48 -15.53 23.28
CHA HEM C . 2.00 12.24 9.92
CHB HEM C . 2.49 13.83 5.31
CHC HEM C . -2.04 15.59 5.44
CHD HEM C . -2.23 14.62 10.20
C1A HEM C . 2.51 12.50 8.66
C2A HEM C . 3.82 12.09 8.18
C3A HEM C . 3.97 12.53 6.93
C4A HEM C . 2.74 13.23 6.54
CMA HEM C . 5.21 12.30 6.04
CAA HEM C . 4.87 11.31 8.99
CBA HEM C . 4.77 9.81 8.72
CGA HEM C . 6.07 9.10 9.02
O1A HEM C . 6.97 9.68 9.68
O2A HEM C . 6.19 7.92 8.60
C1B HEM C . 1.31 14.45 4.93
C2B HEM C . 1.00 15.01 3.63
C3B HEM C . -0.25 15.50 3.67
C4B HEM C . -0.77 15.25 4.99
CMB HEM C . 2.00 15.01 2.44
CAB HEM C . -1.11 16.19 2.58
CBB HEM C . -0.83 16.16 1.27
C1C HEM C . -2.49 15.49 6.73
C2C HEM C . -3.78 15.93 7.24
C3C HEM C . -3.81 15.67 8.56
C4C HEM C . -2.56 15.04 8.92
CMC HEM C . -4.86 16.60 6.35
CAC HEM C . -4.90 15.90 9.62
CBC HEM C . -6.17 16.18 9.32
C1D HEM C . -1.12 13.87 10.54
C2D HEM C . -0.84 13.32 11.83
C3D HEM C . 0.33 12.68 11.79
C4D HEM C . 0.83 12.79 10.43
CMD HEM C . -1.75 13.50 13.07
CAD HEM C . 1.01 11.92 12.96
CBD HEM C . 0.57 10.45 12.78
CGD HEM C . 1.10 9.51 13.83
O1D HEM C . 2.13 9.81 14.46
O2D HEM C . 0.46 8.42 14.04
NA HEM C . 1.88 13.18 7.62
NB HEM C . 0.20 14.62 5.73
NC HEM C . -1.78 14.94 7.78
ND HEM C . -0.07 13.53 9.69
FE HEM C . -0.07 13.87 7.62
C65 C3S D . 2.97 18.42 9.27
C63 C3S D . 2.59 17.62 10.51
C69 C3S D . 2.42 16.15 10.18
C60 C3S D . 3.61 17.81 11.60
C57 C3S D . 3.43 19.18 12.27
C54 C3S D . 4.40 19.34 13.40
C48 C3S D . 4.34 20.72 14.08
C50 C3S D . 3.02 20.81 14.87
C38 C3S D . 5.63 20.94 14.91
C35 C3S D . 6.85 21.06 13.98
C29 C3S D . 5.73 22.26 15.78
C26 C3S D . 5.02 22.30 17.14
C40 C3S D . 5.29 23.46 14.90
C30 C3S D . 7.25 22.30 16.02
C32 C3S D . 7.82 22.11 14.62
C18 C3S D . 7.75 23.50 16.82
C15 C3S D . 9.25 23.37 17.05
C20 C3S D . 7.03 23.49 18.15
C23 C3S D . 5.51 23.47 18.01
C22 C3S D . 7.52 24.66 19.04
C44 C3S D . 6.86 25.97 18.55
C12 C3S D . 8.98 24.88 19.02
C9 C3S D . 9.65 25.77 20.00
C13 C3S D . 9.79 24.27 18.08
C1 C3S D . 7.06 24.42 20.46
C4 C3S D . 7.64 25.44 21.45
C7 C3S D . 9.15 25.43 21.38
O6 C3S D . 9.66 26.39 22.32
S1 C3S D . 10.52 25.84 23.62
O3 C3S D . 10.91 27.00 24.28
O2 C3S D . 9.58 25.00 24.27
O4 C3S D . 11.66 25.14 23.01
C1 GOL E . -13.18 26.17 18.63
O1 GOL E . -13.88 27.33 18.20
C2 GOL E . -13.76 25.51 19.89
O2 GOL E . -14.92 26.16 20.40
C3 GOL E . -13.93 24.01 19.67
O3 GOL E . -14.73 23.40 20.65
C65 C3S F . 1.38 -18.86 -8.11
C63 C3S F . 2.23 -19.95 -8.74
C69 C3S F . 1.53 -21.30 -8.60
C60 C3S F . 2.52 -19.63 -10.21
C57 C3S F . 3.57 -18.49 -10.36
C54 C3S F . 4.05 -18.34 -11.80
C48 C3S F . 5.11 -17.25 -11.93
C50 C3S F . 6.45 -17.79 -11.46
C38 C3S F . 5.09 -16.76 -13.40
C35 C3S F . 3.74 -16.08 -13.73
C29 C3S F . 6.16 -15.68 -13.81
C26 C3S F . 7.58 -16.16 -14.18
C40 C3S F . 6.22 -14.55 -12.75
C30 C3S F . 5.48 -15.13 -15.08
C32 C3S F . 4.06 -14.83 -14.61
C18 C3S F . 6.25 -14.01 -15.78
C15 C3S F . 5.53 -13.60 -17.07
C20 C3S F . 7.61 -14.56 -16.13
C23 C3S F . 8.36 -15.05 -14.87
C22 C3S F . 8.45 -13.55 -16.90
C44 C3S F . 9.01 -12.48 -15.89
C12 C3S F . 7.71 -12.84 -17.95
C9 C3S F . 8.41 -12.04 -18.99
C13 C3S F . 6.35 -12.86 -18.03
C1 C3S F . 9.62 -14.31 -17.53
C4 C3S F . 10.43 -13.43 -18.47
C7 C3S F . 9.53 -12.85 -19.56
O6 C3S F . 10.33 -11.98 -20.36
S1 C3S F . 10.38 -12.21 -21.99
O3 C3S F . 9.07 -12.05 -22.41
O2 C3S F . 11.32 -11.21 -22.36
O4 C3S F . 10.85 -13.60 -22.17
CHA HEM G . -0.25 -24.74 -8.63
CHB HEM G . -3.19 -22.21 -5.69
CHC HEM G . 0.22 -22.32 -2.27
CHD HEM G . 3.36 -24.27 -5.38
C1A HEM G . -1.34 -24.03 -8.15
C2A HEM G . -2.56 -23.76 -8.86
C3A HEM G . -3.36 -23.07 -8.05
C4A HEM G . -2.69 -22.88 -6.78
CMA HEM G . -4.78 -22.55 -8.34
CAA HEM G . -2.84 -24.23 -10.33
CBA HEM G . -3.68 -25.50 -10.28
CGA HEM G . -4.46 -25.75 -11.55
O1A HEM G . -4.23 -25.09 -12.60
O2A HEM G . -5.34 -26.65 -11.53
C1B HEM G . -2.53 -22.03 -4.50
C2B HEM G . -3.04 -21.37 -3.32
C3B HEM G . -2.08 -21.39 -2.38
C4B HEM G . -0.95 -22.09 -2.93
CMB HEM G . -4.45 -20.75 -3.25
CAB HEM G . -2.06 -20.86 -0.93
CBB HEM G . -3.15 -20.42 -0.29
C1C HEM G . 1.36 -22.85 -2.80
C2C HEM G . 2.60 -23.01 -2.09
C3C HEM G . 3.49 -23.54 -2.92
C4C HEM G . 2.83 -23.74 -4.21
CMC HEM G . 2.82 -22.61 -0.60
CAC HEM G . 4.94 -23.87 -2.52
CBC HEM G . 5.89 -24.07 -3.44
C1D HEM G . 2.64 -24.59 -6.51
C2D HEM G . 3.15 -25.29 -7.67
C3D HEM G . 2.16 -25.42 -8.57
C4D HEM G . 0.97 -24.83 -8.01
CMD HEM G . 4.60 -25.79 -7.83
CAD HEM G . 2.22 -26.09 -9.97
CBD HEM G . 1.78 -27.55 -9.75
CGD HEM G . 1.75 -28.34 -11.03
O1D HEM G . 1.77 -27.73 -12.14
O2D HEM G . 1.72 -29.59 -10.92
NA HEM G . -1.45 -23.47 -6.88
NB HEM G . -1.24 -22.46 -4.23
NC HEM G . 1.53 -23.31 -4.09
ND HEM G . 1.29 -24.33 -6.75
FE HEM G . -0.04 -23.62 -5.38
C1 GOL H . 20.48 -22.56 -2.33
O1 GOL H . 21.14 -23.68 -1.81
C2 GOL H . 20.79 -21.32 -1.50
O2 GOL H . 21.88 -21.57 -0.65
C3 GOL H . 21.05 -20.10 -2.36
O3 GOL H . 21.20 -18.95 -1.55
#